data_1E19
#
_entry.id   1E19
#
_cell.length_a   55.400
_cell.length_b   91.700
_cell.length_c   133.800
_cell.angle_alpha   90.00
_cell.angle_beta   90.00
_cell.angle_gamma   90.00
#
_symmetry.space_group_name_H-M   'P 21 21 21'
#
loop_
_entity.id
_entity.type
_entity.pdbx_description
1 polymer 'CARBAMATE KINASE'
2 non-polymer "ADENOSINE-5'-DIPHOSPHATE"
3 non-polymer 'MAGNESIUM ION'
4 water water
#
_entity_poly.entity_id   1
_entity_poly.type   'polypeptide(L)'
_entity_poly.pdbx_seq_one_letter_code
;MGKRVVIALGGNALQQRGQKGSYEEMMDNVRKTARQIAEIIARGYEVVITHGNGPQVGSLLLHMDAGQATYGIPAQPMDV
AGAMSQGWIGYMIQQALKNELRKRGMEKKVVTIITQTIVDKNDPAFQNPTKPVGPFYDEETAKRLAREKGWIVKEDSGRG
WRRVVPSPDPKGHVEAETIKKLVERGVIVIASGGGGVPVILEDGEIKGVEAVIDKDLAGEKLAEEVNADIFMILTDVNGA
ALYYGTEKEQWLREVKVEELRKYYEEGHFKAGSMGPKVLAAIRFIEWGGERAIIAHLEKAVEALEGKTGTQVLP
;
_entity_poly.pdbx_strand_id   A,B
#
loop_
_chem_comp.id
_chem_comp.type
_chem_comp.name
_chem_comp.formula
ADP non-polymer ADENOSINE-5'-DIPHOSPHATE 'C10 H15 N5 O10 P2'
MG non-polymer 'MAGNESIUM ION' 'Mg 2'
#
# COMPACT_ATOMS: atom_id res chain seq x y z
N GLY A 2 21.90 -19.28 4.16
CA GLY A 2 20.89 -20.16 3.50
C GLY A 2 20.74 -19.54 2.07
N LYS A 3 20.25 -20.34 1.16
CA LYS A 3 20.07 -19.83 -0.22
C LYS A 3 18.95 -18.77 -0.18
N ARG A 4 19.13 -17.77 -1.00
CA ARG A 4 18.19 -16.64 -1.15
C ARG A 4 17.32 -16.95 -2.35
N VAL A 5 15.96 -16.94 -2.08
CA VAL A 5 14.95 -17.26 -3.07
C VAL A 5 13.87 -16.18 -3.21
N VAL A 6 13.59 -15.81 -4.47
CA VAL A 6 12.47 -14.92 -4.75
C VAL A 6 11.31 -15.86 -5.08
N ILE A 7 10.19 -15.75 -4.40
CA ILE A 7 9.00 -16.56 -4.63
C ILE A 7 7.96 -15.69 -5.31
N ALA A 8 7.55 -16.03 -6.53
CA ALA A 8 6.57 -15.23 -7.26
C ALA A 8 5.23 -15.96 -7.22
N LEU A 9 4.36 -15.53 -6.30
CA LEU A 9 3.01 -16.11 -6.18
C LEU A 9 2.11 -15.67 -7.35
N GLY A 10 1.09 -16.47 -7.57
CA GLY A 10 0.13 -16.17 -8.65
C GLY A 10 -1.30 -16.13 -8.12
N GLY A 11 -2.25 -16.21 -9.04
CA GLY A 11 -3.64 -16.07 -8.70
C GLY A 11 -4.11 -16.87 -7.48
N ASN A 12 -3.70 -18.16 -7.53
CA ASN A 12 -4.20 -19.09 -6.52
C ASN A 12 -3.67 -18.89 -5.14
N ALA A 13 -2.69 -17.91 -4.95
CA ALA A 13 -2.31 -17.58 -3.58
C ALA A 13 -3.44 -16.81 -2.86
N LEU A 14 -4.30 -16.19 -3.70
CA LEU A 14 -5.31 -15.26 -3.15
C LEU A 14 -6.76 -15.73 -3.43
N GLN A 15 -6.94 -16.31 -4.62
CA GLN A 15 -8.29 -16.74 -5.06
C GLN A 15 -8.24 -18.15 -5.69
N GLN A 16 -9.29 -18.91 -5.46
CA GLN A 16 -9.44 -20.17 -6.18
C GLN A 16 -10.50 -20.00 -7.27
N ARG A 17 -10.51 -21.07 -8.09
CA ARG A 17 -11.46 -21.11 -9.22
C ARG A 17 -12.87 -20.80 -8.77
N GLY A 18 -13.52 -19.84 -9.44
CA GLY A 18 -14.89 -19.51 -9.13
C GLY A 18 -15.12 -18.42 -8.12
N GLN A 19 -14.13 -18.15 -7.25
CA GLN A 19 -14.36 -17.16 -6.19
C GLN A 19 -14.42 -15.71 -6.68
N LYS A 20 -15.26 -14.86 -6.00
CA LYS A 20 -15.20 -13.45 -6.39
C LYS A 20 -14.12 -12.68 -5.66
N GLY A 21 -13.60 -13.22 -4.57
CA GLY A 21 -12.51 -12.43 -3.93
C GLY A 21 -12.99 -11.69 -2.71
N SER A 22 -13.92 -12.25 -1.92
CA SER A 22 -14.35 -11.62 -0.70
C SER A 22 -13.20 -11.63 0.33
N TYR A 23 -13.28 -10.75 1.28
CA TYR A 23 -12.25 -10.77 2.35
C TYR A 23 -12.08 -12.16 2.93
N GLU A 24 -13.22 -12.80 3.35
CA GLU A 24 -13.06 -14.14 3.92
C GLU A 24 -12.44 -15.17 2.99
N GLU A 25 -12.71 -15.10 1.70
CA GLU A 25 -12.08 -16.06 0.75
C GLU A 25 -10.57 -15.79 0.71
N MET A 26 -10.26 -14.50 0.59
CA MET A 26 -8.85 -14.16 0.43
C MET A 26 -8.11 -14.41 1.69
N MET A 27 -8.64 -14.17 2.87
CA MET A 27 -7.95 -14.45 4.10
C MET A 27 -7.66 -15.96 4.23
N ASP A 28 -8.58 -16.81 3.77
CA ASP A 28 -8.35 -18.28 3.87
C ASP A 28 -7.25 -18.67 2.89
N ASN A 29 -7.28 -18.15 1.63
CA ASN A 29 -6.26 -18.54 0.66
C ASN A 29 -4.91 -17.97 1.08
N VAL A 30 -4.87 -16.73 1.66
CA VAL A 30 -3.54 -16.24 2.10
C VAL A 30 -2.98 -17.01 3.27
N ARG A 31 -3.82 -17.56 4.15
CA ARG A 31 -3.35 -18.37 5.27
C ARG A 31 -2.73 -19.63 4.68
N LYS A 32 -3.41 -20.25 3.68
CA LYS A 32 -2.83 -21.49 3.11
C LYS A 32 -1.47 -21.18 2.48
N THR A 33 -1.34 -20.01 1.81
CA THR A 33 -0.06 -19.64 1.20
C THR A 33 1.02 -19.44 2.23
N ALA A 34 0.61 -18.76 3.35
CA ALA A 34 1.58 -18.49 4.42
C ALA A 34 2.06 -19.78 5.09
N ARG A 35 1.24 -20.83 5.13
CA ARG A 35 1.81 -22.07 5.77
C ARG A 35 2.95 -22.65 4.89
N GLN A 36 2.77 -22.55 3.56
CA GLN A 36 3.89 -23.03 2.69
C GLN A 36 5.14 -22.23 2.87
N ILE A 37 5.01 -20.84 2.87
CA ILE A 37 6.21 -20.04 2.96
C ILE A 37 6.85 -20.14 4.34
N ALA A 38 6.02 -20.24 5.40
CA ALA A 38 6.66 -20.38 6.75
C ALA A 38 7.50 -21.68 6.83
N GLU A 39 7.07 -22.72 6.15
CA GLU A 39 7.96 -23.94 6.19
C GLU A 39 9.27 -23.72 5.49
N ILE A 40 9.21 -22.96 4.35
CA ILE A 40 10.48 -22.60 3.70
C ILE A 40 11.40 -21.79 4.58
N ILE A 41 10.83 -20.78 5.25
CA ILE A 41 11.64 -19.99 6.19
C ILE A 41 12.13 -20.85 7.38
N ALA A 42 11.36 -21.83 7.79
CA ALA A 42 11.86 -22.69 8.93
C ALA A 42 13.08 -23.44 8.49
N ARG A 43 13.14 -23.74 7.18
CA ARG A 43 14.22 -24.53 6.59
C ARG A 43 15.45 -23.69 6.32
N GLY A 44 15.48 -22.44 6.68
CA GLY A 44 16.68 -21.60 6.55
C GLY A 44 16.89 -20.81 5.25
N TYR A 45 15.87 -20.82 4.40
CA TYR A 45 16.04 -19.91 3.25
C TYR A 45 15.83 -18.42 3.48
N GLU A 46 16.44 -17.57 2.77
CA GLU A 46 16.29 -16.14 2.79
C GLU A 46 15.17 -15.81 1.78
N VAL A 47 13.96 -15.46 2.24
CA VAL A 47 12.91 -15.29 1.22
C VAL A 47 12.49 -13.86 0.99
N VAL A 48 12.22 -13.65 -0.33
CA VAL A 48 11.66 -12.43 -0.85
C VAL A 48 10.36 -12.74 -1.61
N ILE A 49 9.27 -12.03 -1.46
CA ILE A 49 8.01 -12.44 -2.06
C ILE A 49 7.49 -11.39 -3.05
N THR A 50 7.01 -11.88 -4.17
CA THR A 50 6.15 -10.97 -5.02
C THR A 50 4.86 -11.74 -5.36
N HIS A 51 3.97 -11.13 -6.14
CA HIS A 51 2.64 -11.74 -6.38
C HIS A 51 1.97 -11.04 -7.60
N GLY A 52 0.84 -11.57 -8.00
CA GLY A 52 0.13 -10.85 -9.08
C GLY A 52 -0.98 -9.96 -8.50
N ASN A 53 -1.71 -9.21 -9.36
CA ASN A 53 -2.77 -8.36 -8.83
C ASN A 53 -3.86 -8.21 -9.94
N GLY A 54 -3.84 -9.04 -10.99
CA GLY A 54 -4.85 -8.80 -12.03
C GLY A 54 -6.29 -8.76 -11.57
N PRO A 55 -6.84 -9.66 -10.86
CA PRO A 55 -8.22 -9.65 -10.44
C PRO A 55 -8.47 -8.55 -9.44
N GLN A 56 -7.42 -8.23 -8.62
CA GLN A 56 -7.62 -7.22 -7.55
C GLN A 56 -7.58 -5.77 -8.09
N VAL A 57 -6.69 -5.41 -9.03
CA VAL A 57 -6.80 -4.13 -9.74
C VAL A 57 -8.09 -4.15 -10.58
N GLY A 58 -8.44 -5.31 -11.15
CA GLY A 58 -9.69 -5.35 -11.91
C GLY A 58 -10.91 -4.95 -11.03
N SER A 59 -10.96 -5.53 -9.85
CA SER A 59 -12.06 -5.17 -8.93
C SER A 59 -12.05 -3.71 -8.64
N LEU A 60 -10.83 -3.12 -8.29
CA LEU A 60 -10.78 -1.69 -8.04
C LEU A 60 -11.24 -0.84 -9.26
N LEU A 61 -10.93 -1.31 -10.48
CA LEU A 61 -11.39 -0.47 -11.59
C LEU A 61 -12.93 -0.50 -11.72
N LEU A 62 -13.46 -1.66 -11.45
CA LEU A 62 -14.97 -1.77 -11.46
C LEU A 62 -15.53 -0.94 -10.33
N HIS A 63 -15.03 -1.05 -9.11
CA HIS A 63 -15.52 -0.25 -8.01
C HIS A 63 -15.49 1.21 -8.32
N MET A 64 -14.32 1.77 -8.86
CA MET A 64 -14.25 3.22 -9.08
C MET A 64 -15.10 3.66 -10.30
N ASP A 65 -15.28 2.77 -11.27
CA ASP A 65 -16.21 3.29 -12.35
C ASP A 65 -17.57 3.33 -11.67
N ALA A 66 -18.00 2.42 -10.84
CA ALA A 66 -19.36 2.45 -10.25
C ALA A 66 -19.41 3.63 -9.33
N GLY A 67 -18.44 3.95 -8.45
CA GLY A 67 -18.43 5.08 -7.56
C GLY A 67 -18.61 6.43 -8.26
N GLN A 68 -17.89 6.59 -9.37
CA GLN A 68 -17.94 7.90 -10.12
C GLN A 68 -19.34 7.90 -10.73
N ALA A 69 -19.84 6.84 -11.29
CA ALA A 69 -21.20 6.83 -11.86
C ALA A 69 -22.31 7.04 -10.85
N THR A 70 -22.24 6.51 -9.64
CA THR A 70 -23.28 6.67 -8.61
C THR A 70 -23.15 7.87 -7.77
N TYR A 71 -22.04 8.29 -7.19
CA TYR A 71 -21.79 9.29 -6.24
C TYR A 71 -21.03 10.50 -6.76
N GLY A 72 -20.57 10.41 -8.02
CA GLY A 72 -19.88 11.50 -8.65
C GLY A 72 -18.49 11.76 -8.10
N ILE A 73 -17.98 10.76 -7.38
CA ILE A 73 -16.60 10.97 -6.86
C ILE A 73 -15.63 10.50 -7.98
N PRO A 74 -14.41 11.06 -7.94
CA PRO A 74 -13.47 10.79 -8.98
C PRO A 74 -12.87 9.38 -9.04
N ALA A 75 -12.78 8.78 -10.21
CA ALA A 75 -12.03 7.47 -10.23
C ALA A 75 -10.58 7.88 -10.33
N GLN A 76 -9.71 6.95 -9.90
CA GLN A 76 -8.22 7.20 -9.98
C GLN A 76 -7.71 6.31 -11.09
N PRO A 77 -6.56 6.78 -11.65
CA PRO A 77 -5.88 6.06 -12.74
C PRO A 77 -5.20 4.75 -12.37
N MET A 78 -4.76 4.05 -13.39
CA MET A 78 -4.25 2.68 -13.16
C MET A 78 -3.00 2.64 -12.28
N ASP A 79 -2.12 3.61 -12.35
CA ASP A 79 -0.90 3.51 -11.45
C ASP A 79 -1.38 3.60 -10.04
N VAL A 80 -2.29 4.56 -9.70
CA VAL A 80 -2.82 4.59 -8.33
C VAL A 80 -3.54 3.33 -7.98
N ALA A 81 -4.34 2.72 -8.86
CA ALA A 81 -5.01 1.44 -8.48
C ALA A 81 -3.96 0.38 -8.25
N GLY A 82 -2.83 0.36 -8.97
CA GLY A 82 -1.82 -0.65 -8.65
C GLY A 82 -1.23 -0.42 -7.29
N ALA A 83 -0.96 0.86 -6.89
CA ALA A 83 -0.51 1.12 -5.52
C ALA A 83 -1.50 0.66 -4.46
N MET A 84 -2.81 0.95 -4.67
CA MET A 84 -3.85 0.49 -3.75
C MET A 84 -3.80 -1.05 -3.64
N SER A 85 -3.56 -1.74 -4.75
CA SER A 85 -3.53 -3.21 -4.68
C SER A 85 -2.31 -3.74 -3.91
N GLN A 86 -1.19 -3.01 -4.07
CA GLN A 86 0.01 -3.47 -3.28
C GLN A 86 -0.25 -3.29 -1.79
N GLY A 87 -0.92 -2.20 -1.39
CA GLY A 87 -1.19 -2.07 0.03
C GLY A 87 -2.18 -3.18 0.55
N TRP A 88 -3.21 -3.41 -0.25
CA TRP A 88 -4.23 -4.43 0.14
C TRP A 88 -3.64 -5.84 0.21
N ILE A 89 -2.94 -6.25 -0.84
CA ILE A 89 -2.43 -7.64 -0.79
C ILE A 89 -1.24 -7.78 0.11
N GLY A 90 -0.34 -6.77 0.11
CA GLY A 90 0.78 -6.82 1.02
C GLY A 90 0.40 -6.92 2.45
N TYR A 91 -0.55 -6.04 2.89
CA TYR A 91 -1.04 -6.12 4.29
C TYR A 91 -1.53 -7.52 4.57
N MET A 92 -2.33 -8.16 3.68
CA MET A 92 -2.81 -9.51 4.06
C MET A 92 -1.69 -10.48 4.14
N ILE A 93 -0.73 -10.50 3.17
CA ILE A 93 0.32 -11.56 3.25
C ILE A 93 1.24 -11.24 4.40
N GLN A 94 1.56 -9.97 4.67
CA GLN A 94 2.52 -9.75 5.79
C GLN A 94 1.91 -10.14 7.12
N GLN A 95 0.61 -9.88 7.31
CA GLN A 95 -0.09 -10.31 8.55
C GLN A 95 -0.10 -11.81 8.62
N ALA A 96 -0.57 -12.51 7.62
CA ALA A 96 -0.67 -13.99 7.74
C ALA A 96 0.68 -14.58 7.90
N LEU A 97 1.68 -14.15 7.16
CA LEU A 97 3.02 -14.85 7.27
C LEU A 97 3.64 -14.59 8.57
N LYS A 98 3.62 -13.39 9.12
CA LYS A 98 4.21 -13.15 10.45
C LYS A 98 3.36 -13.90 11.48
N ASN A 99 2.09 -14.07 11.30
CA ASN A 99 1.34 -14.87 12.30
C ASN A 99 1.82 -16.32 12.24
N GLU A 100 1.97 -16.95 11.11
CA GLU A 100 2.39 -18.38 11.15
C GLU A 100 3.77 -18.40 11.69
N LEU A 101 4.69 -17.56 11.39
CA LEU A 101 6.06 -17.62 11.95
C LEU A 101 5.94 -17.46 13.46
N ARG A 102 5.23 -16.48 13.97
CA ARG A 102 5.12 -16.23 15.41
C ARG A 102 4.56 -17.46 16.11
N LYS A 103 3.53 -18.13 15.62
CA LYS A 103 2.96 -19.26 16.35
C LYS A 103 3.96 -20.40 16.30
N ARG A 104 4.88 -20.51 15.38
CA ARG A 104 5.83 -21.62 15.28
C ARG A 104 7.08 -21.22 16.08
N GLY A 105 7.14 -20.15 16.85
CA GLY A 105 8.29 -19.77 17.61
C GLY A 105 9.43 -19.20 16.83
N MET A 106 9.07 -18.58 15.67
CA MET A 106 10.03 -17.83 14.89
C MET A 106 9.62 -16.34 14.90
N GLU A 107 10.46 -15.51 15.36
CA GLU A 107 10.18 -14.06 15.33
C GLU A 107 10.97 -13.56 14.11
N LYS A 108 10.22 -13.18 13.11
CA LYS A 108 10.81 -12.64 11.88
C LYS A 108 10.03 -11.39 11.50
N LYS A 109 10.70 -10.43 10.96
CA LYS A 109 10.05 -9.16 10.46
C LYS A 109 9.60 -9.48 9.04
N VAL A 110 8.38 -8.96 8.78
CA VAL A 110 7.75 -9.21 7.41
C VAL A 110 7.10 -7.83 7.07
N VAL A 111 7.53 -7.29 5.90
CA VAL A 111 6.95 -5.96 5.56
C VAL A 111 6.71 -5.87 4.04
N THR A 112 5.74 -5.06 3.67
CA THR A 112 5.53 -4.65 2.23
C THR A 112 6.08 -3.24 2.00
N ILE A 113 6.86 -3.17 0.91
CA ILE A 113 7.35 -1.84 0.44
C ILE A 113 6.63 -1.53 -0.86
N ILE A 114 6.05 -0.29 -0.85
CA ILE A 114 5.41 0.14 -2.13
C ILE A 114 6.43 0.35 -3.24
N THR A 115 6.25 -0.39 -4.34
CA THR A 115 7.28 -0.52 -5.38
C THR A 115 6.86 0.05 -6.72
N GLN A 116 7.81 0.84 -7.30
CA GLN A 116 7.62 1.37 -8.68
C GLN A 116 8.58 0.62 -9.63
N THR A 117 8.05 0.14 -10.73
CA THR A 117 8.78 -0.64 -11.69
C THR A 117 9.08 0.18 -12.92
N ILE A 118 10.41 0.45 -13.13
CA ILE A 118 10.81 1.28 -14.30
C ILE A 118 10.77 0.45 -15.58
N VAL A 119 10.11 1.15 -16.60
CA VAL A 119 10.06 0.65 -18.00
C VAL A 119 10.64 1.80 -18.88
N ASP A 120 10.98 1.28 -20.10
CA ASP A 120 11.49 2.24 -21.11
C ASP A 120 10.33 2.98 -21.82
N LYS A 121 10.49 4.30 -21.76
CA LYS A 121 9.40 5.05 -22.46
C LYS A 121 9.43 4.85 -23.98
N ASN A 122 10.49 4.32 -24.53
CA ASN A 122 10.41 4.02 -25.99
C ASN A 122 10.06 2.59 -26.23
N ASP A 123 9.66 1.76 -25.21
CA ASP A 123 9.28 0.37 -25.43
C ASP A 123 8.22 0.22 -26.51
N PRO A 124 8.37 -0.62 -27.51
CA PRO A 124 7.37 -0.76 -28.55
C PRO A 124 6.04 -1.11 -28.03
N ALA A 125 5.87 -1.67 -26.76
CA ALA A 125 4.57 -1.95 -26.20
C ALA A 125 3.69 -0.73 -26.10
N PHE A 126 4.26 0.48 -25.95
CA PHE A 126 3.50 1.70 -25.82
C PHE A 126 2.88 2.03 -27.24
N GLN A 127 3.52 1.57 -28.28
CA GLN A 127 2.93 1.79 -29.61
C GLN A 127 1.83 0.85 -29.88
N ASN A 128 1.67 -0.29 -29.19
CA ASN A 128 0.70 -1.35 -29.48
C ASN A 128 0.06 -1.96 -28.25
N PRO A 129 -0.81 -1.24 -27.60
CA PRO A 129 -1.48 -1.73 -26.42
C PRO A 129 -2.44 -2.85 -26.76
N THR A 130 -2.45 -3.94 -26.02
CA THR A 130 -3.44 -4.98 -26.41
C THR A 130 -3.91 -5.72 -25.14
N LYS A 131 -3.67 -5.22 -23.93
CA LYS A 131 -4.29 -5.98 -22.80
C LYS A 131 -5.58 -5.34 -22.38
N PRO A 132 -6.71 -6.00 -22.46
CA PRO A 132 -7.98 -5.42 -22.06
C PRO A 132 -8.06 -5.34 -20.54
N VAL A 133 -8.62 -4.29 -20.08
CA VAL A 133 -8.78 -4.09 -18.63
C VAL A 133 -10.07 -3.40 -18.35
N GLY A 134 -10.62 -3.39 -17.13
CA GLY A 134 -11.70 -2.58 -16.69
C GLY A 134 -13.10 -3.13 -17.16
N PRO A 135 -14.06 -2.23 -16.97
CA PRO A 135 -15.43 -2.67 -17.28
C PRO A 135 -15.64 -2.88 -18.79
N PHE A 136 -16.76 -3.53 -19.07
CA PHE A 136 -17.25 -3.71 -20.42
C PHE A 136 -18.20 -2.58 -20.67
N TYR A 137 -17.95 -1.81 -21.71
CA TYR A 137 -18.83 -0.71 -22.09
C TYR A 137 -19.55 -0.99 -23.41
N ASP A 138 -20.52 -0.16 -23.73
CA ASP A 138 -21.07 -0.23 -25.11
C ASP A 138 -20.18 0.60 -25.98
N GLU A 139 -20.36 0.56 -27.27
CA GLU A 139 -19.46 1.22 -28.22
C GLU A 139 -19.48 2.72 -28.00
N GLU A 140 -20.63 3.38 -27.82
CA GLU A 140 -20.67 4.81 -27.65
C GLU A 140 -19.87 5.32 -26.48
N THR A 141 -20.07 4.58 -25.35
CA THR A 141 -19.41 4.99 -24.12
C THR A 141 -17.90 4.72 -24.31
N ALA A 142 -17.57 3.57 -24.89
CA ALA A 142 -16.10 3.33 -25.00
C ALA A 142 -15.41 4.29 -25.93
N LYS A 143 -16.10 4.67 -27.02
CA LYS A 143 -15.43 5.64 -27.94
C LYS A 143 -15.51 7.06 -27.48
N ARG A 144 -16.45 7.40 -26.58
CA ARG A 144 -16.43 8.71 -25.98
C ARG A 144 -15.25 8.86 -24.99
N LEU A 145 -15.06 7.79 -24.21
CA LEU A 145 -13.89 7.78 -23.29
C LEU A 145 -12.60 7.84 -24.10
N ALA A 146 -12.48 7.15 -25.27
CA ALA A 146 -11.31 7.21 -26.11
C ALA A 146 -11.09 8.68 -26.52
N ARG A 147 -12.17 9.38 -26.91
CA ARG A 147 -12.00 10.78 -27.36
C ARG A 147 -11.56 11.66 -26.21
N GLU A 148 -12.30 11.51 -25.11
CA GLU A 148 -11.98 12.43 -23.99
C GLU A 148 -10.72 12.16 -23.22
N LYS A 149 -10.35 10.87 -23.08
CA LYS A 149 -9.22 10.56 -22.20
C LYS A 149 -7.98 10.17 -22.96
N GLY A 150 -8.08 9.92 -24.27
CA GLY A 150 -6.93 9.43 -25.01
C GLY A 150 -6.80 7.87 -24.90
N TRP A 151 -7.82 7.19 -24.45
CA TRP A 151 -7.73 5.71 -24.40
C TRP A 151 -7.68 5.04 -25.74
N ILE A 152 -7.24 3.86 -25.86
CA ILE A 152 -7.37 2.94 -26.95
C ILE A 152 -8.42 1.93 -26.54
N VAL A 153 -9.48 1.69 -27.28
CA VAL A 153 -10.52 0.71 -26.92
C VAL A 153 -10.65 -0.31 -28.04
N LYS A 154 -11.14 -1.49 -27.65
CA LYS A 154 -11.30 -2.56 -28.63
C LYS A 154 -12.52 -3.38 -28.24
N GLU A 155 -13.20 -4.11 -29.15
CA GLU A 155 -14.29 -4.98 -28.66
C GLU A 155 -13.64 -6.26 -28.28
N ASP A 156 -13.94 -6.65 -26.99
CA ASP A 156 -13.32 -7.77 -26.33
C ASP A 156 -14.21 -9.01 -26.30
N SER A 157 -13.77 -9.97 -27.10
CA SER A 157 -14.34 -11.29 -27.17
C SER A 157 -15.85 -11.32 -27.25
N GLY A 158 -16.52 -10.29 -27.79
CA GLY A 158 -18.00 -10.40 -27.85
C GLY A 158 -18.72 -9.92 -26.59
N ARG A 159 -17.95 -9.59 -25.53
CA ARG A 159 -18.62 -9.14 -24.31
C ARG A 159 -18.83 -7.62 -24.19
N GLY A 160 -18.39 -6.83 -25.15
CA GLY A 160 -18.48 -5.39 -25.08
C GLY A 160 -17.07 -4.76 -25.38
N TRP A 161 -17.05 -3.48 -25.17
CA TRP A 161 -15.79 -2.76 -25.56
C TRP A 161 -15.02 -2.45 -24.27
N ARG A 162 -13.71 -2.66 -24.38
CA ARG A 162 -12.86 -2.35 -23.20
C ARG A 162 -11.64 -1.52 -23.59
N ARG A 163 -11.13 -0.77 -22.65
CA ARG A 163 -9.82 -0.14 -22.76
C ARG A 163 -8.76 -1.24 -22.90
N VAL A 164 -7.74 -0.98 -23.72
CA VAL A 164 -6.57 -1.85 -23.91
C VAL A 164 -5.37 -1.00 -23.50
N VAL A 165 -4.43 -1.61 -22.77
CA VAL A 165 -3.24 -0.88 -22.31
C VAL A 165 -1.92 -1.57 -22.65
N PRO A 166 -0.81 -0.85 -22.60
CA PRO A 166 0.47 -1.48 -22.90
C PRO A 166 0.94 -2.49 -21.81
N SER A 167 1.79 -3.42 -22.27
CA SER A 167 2.42 -4.38 -21.34
C SER A 167 3.97 -4.31 -21.57
N PRO A 168 4.58 -3.30 -21.11
CA PRO A 168 5.99 -3.00 -21.30
C PRO A 168 6.88 -3.96 -20.53
N ASP A 169 8.13 -4.09 -20.95
CA ASP A 169 9.09 -5.03 -20.27
C ASP A 169 9.72 -4.34 -19.08
N PRO A 170 9.65 -5.00 -17.91
CA PRO A 170 10.23 -4.34 -16.72
C PRO A 170 11.76 -4.24 -16.77
N LYS A 171 12.31 -3.12 -16.47
CA LYS A 171 13.77 -2.94 -16.50
C LYS A 171 14.32 -3.00 -15.10
N GLY A 172 13.64 -2.55 -14.03
CA GLY A 172 14.26 -2.48 -12.72
C GLY A 172 13.23 -1.80 -11.76
N HIS A 173 13.59 -1.72 -10.52
CA HIS A 173 12.69 -1.13 -9.53
C HIS A 173 13.28 0.07 -8.85
N VAL A 174 12.52 1.15 -8.69
CA VAL A 174 13.02 2.36 -8.08
C VAL A 174 13.64 2.01 -6.71
N GLU A 175 12.97 1.18 -5.88
CA GLU A 175 13.30 0.85 -4.53
C GLU A 175 14.28 -0.29 -4.41
N ALA A 176 14.88 -0.75 -5.50
CA ALA A 176 15.71 -1.95 -5.41
C ALA A 176 16.77 -1.84 -4.30
N GLU A 177 17.49 -0.75 -4.15
CA GLU A 177 18.57 -0.73 -3.14
C GLU A 177 18.03 -0.89 -1.77
N THR A 178 16.93 -0.24 -1.40
CA THR A 178 16.36 -0.42 -0.07
C THR A 178 15.79 -1.80 0.15
N ILE A 179 15.17 -2.40 -0.86
CA ILE A 179 14.72 -3.78 -0.77
C ILE A 179 15.89 -4.74 -0.42
N LYS A 180 16.94 -4.60 -1.25
CA LYS A 180 18.08 -5.53 -0.99
C LYS A 180 18.65 -5.23 0.38
N LYS A 181 18.78 -4.02 0.88
CA LYS A 181 19.36 -3.74 2.21
C LYS A 181 18.49 -4.37 3.30
N LEU A 182 17.18 -4.38 3.18
CA LEU A 182 16.27 -5.06 4.14
C LEU A 182 16.48 -6.57 4.04
N VAL A 183 16.62 -7.20 2.89
CA VAL A 183 16.80 -8.61 2.77
C VAL A 183 18.14 -8.97 3.49
N GLU A 184 19.13 -8.11 3.19
CA GLU A 184 20.45 -8.50 3.85
C GLU A 184 20.33 -8.41 5.32
N ARG A 185 19.46 -7.74 6.01
CA ARG A 185 19.26 -7.59 7.44
C ARG A 185 18.25 -8.66 7.93
N GLY A 186 17.80 -9.61 7.11
CA GLY A 186 16.96 -10.68 7.39
C GLY A 186 15.46 -10.40 7.51
N VAL A 187 15.09 -9.28 6.87
CA VAL A 187 13.64 -8.97 6.82
C VAL A 187 13.05 -9.67 5.61
N ILE A 188 11.87 -10.28 5.79
CA ILE A 188 11.12 -10.86 4.67
C ILE A 188 10.31 -9.74 4.01
N VAL A 189 10.73 -9.44 2.75
CA VAL A 189 10.11 -8.28 2.04
C VAL A 189 9.11 -8.74 1.01
N ILE A 190 7.92 -8.16 0.95
CA ILE A 190 6.96 -8.31 -0.14
C ILE A 190 7.12 -7.02 -1.01
N ALA A 191 7.45 -7.23 -2.29
CA ALA A 191 7.70 -6.07 -3.16
C ALA A 191 7.30 -6.42 -4.61
N SER A 192 7.30 -5.32 -5.38
CA SER A 192 6.88 -5.50 -6.82
C SER A 192 5.53 -6.16 -6.94
N GLY A 193 4.62 -5.85 -6.01
CA GLY A 193 3.29 -6.54 -6.11
C GLY A 193 2.60 -6.21 -7.41
N GLY A 194 2.07 -7.26 -8.03
CA GLY A 194 1.40 -7.07 -9.30
C GLY A 194 2.30 -6.64 -10.41
N GLY A 195 3.60 -6.78 -10.27
CA GLY A 195 4.56 -6.25 -11.22
C GLY A 195 5.06 -4.86 -10.91
N GLY A 196 4.54 -4.24 -9.85
CA GLY A 196 4.96 -2.90 -9.42
C GLY A 196 4.18 -1.81 -10.10
N VAL A 197 4.22 -0.58 -9.58
CA VAL A 197 3.45 0.54 -10.29
C VAL A 197 4.28 0.77 -11.51
N PRO A 198 3.78 0.85 -12.73
CA PRO A 198 4.59 1.14 -13.90
C PRO A 198 5.01 2.58 -13.89
N VAL A 199 6.29 2.88 -14.09
CA VAL A 199 6.80 4.27 -14.17
C VAL A 199 7.87 4.36 -15.26
N ILE A 200 7.90 5.60 -15.77
CA ILE A 200 9.05 5.91 -16.72
C ILE A 200 9.84 6.99 -16.01
N LEU A 201 11.08 7.16 -16.63
CA LEU A 201 11.97 8.24 -16.17
C LEU A 201 12.11 9.36 -17.23
N GLU A 202 11.74 10.55 -16.95
CA GLU A 202 11.79 11.61 -18.02
C GLU A 202 12.42 12.86 -17.41
N ASP A 203 13.67 13.15 -17.91
CA ASP A 203 14.32 14.36 -17.43
C ASP A 203 14.54 14.25 -15.89
N GLY A 204 14.87 13.02 -15.55
CA GLY A 204 15.15 12.66 -14.18
C GLY A 204 13.90 12.47 -13.30
N GLU A 205 12.74 12.77 -13.78
CA GLU A 205 11.50 12.63 -12.98
C GLU A 205 10.82 11.30 -13.26
N ILE A 206 10.47 10.70 -12.08
CA ILE A 206 9.67 9.41 -12.15
C ILE A 206 8.18 9.80 -12.35
N LYS A 207 7.65 9.17 -13.43
CA LYS A 207 6.23 9.49 -13.75
C LYS A 207 5.45 8.18 -13.92
N GLY A 208 4.26 8.11 -13.25
CA GLY A 208 3.47 6.90 -13.45
C GLY A 208 2.87 6.85 -14.88
N VAL A 209 2.69 5.60 -15.37
CA VAL A 209 1.97 5.38 -16.62
C VAL A 209 0.92 4.28 -16.31
N GLU A 210 -0.11 4.26 -17.17
CA GLU A 210 -1.21 3.31 -17.11
C GLU A 210 -0.89 2.14 -18.01
N ALA A 211 -0.58 0.98 -17.40
CA ALA A 211 -0.11 -0.22 -18.09
C ALA A 211 -0.11 -1.50 -17.19
N VAL A 212 0.14 -2.64 -17.81
CA VAL A 212 0.26 -3.83 -16.89
C VAL A 212 1.68 -4.31 -17.14
N ILE A 213 2.34 -4.67 -16.01
CA ILE A 213 3.70 -5.25 -16.12
C ILE A 213 3.61 -6.69 -15.63
N ASP A 214 4.06 -7.67 -16.43
CA ASP A 214 4.03 -9.06 -16.04
C ASP A 214 4.80 -9.35 -14.71
N LYS A 215 4.00 -9.96 -13.79
CA LYS A 215 4.56 -10.10 -12.44
C LYS A 215 5.71 -11.13 -12.36
N ASP A 216 5.80 -12.03 -13.35
CA ASP A 216 6.93 -13.02 -13.29
C ASP A 216 8.19 -12.40 -13.91
N LEU A 217 7.95 -11.64 -15.05
CA LEU A 217 9.16 -10.96 -15.55
C LEU A 217 9.68 -9.93 -14.58
N ALA A 218 8.72 -9.21 -13.89
CA ALA A 218 9.21 -8.20 -12.89
C ALA A 218 9.83 -8.82 -11.64
N GLY A 219 9.32 -10.00 -11.33
CA GLY A 219 9.83 -10.86 -10.21
C GLY A 219 11.28 -11.27 -10.59
N GLU A 220 11.51 -11.63 -11.84
CA GLU A 220 12.91 -12.06 -12.16
C GLU A 220 13.82 -10.89 -12.05
N LYS A 221 13.39 -9.62 -12.39
CA LYS A 221 14.30 -8.51 -12.24
C LYS A 221 14.49 -8.23 -10.78
N LEU A 222 13.50 -8.44 -9.93
CA LEU A 222 13.69 -8.32 -8.45
C LEU A 222 14.71 -9.36 -7.96
N ALA A 223 14.67 -10.58 -8.51
CA ALA A 223 15.68 -11.59 -8.12
C ALA A 223 17.03 -11.11 -8.58
N GLU A 224 17.20 -10.49 -9.71
CA GLU A 224 18.57 -10.02 -10.07
C GLU A 224 19.04 -8.99 -9.05
N GLU A 225 18.15 -8.07 -8.68
CA GLU A 225 18.48 -6.95 -7.83
C GLU A 225 18.77 -7.32 -6.41
N VAL A 226 18.22 -8.42 -5.92
CA VAL A 226 18.58 -8.80 -4.56
C VAL A 226 19.65 -9.91 -4.57
N ASN A 227 20.21 -10.20 -5.74
CA ASN A 227 21.21 -11.28 -5.84
C ASN A 227 20.73 -12.59 -5.34
N ALA A 228 19.52 -13.07 -5.78
CA ALA A 228 18.97 -14.30 -5.37
C ALA A 228 19.77 -15.46 -6.06
N ASP A 229 19.72 -16.55 -5.30
CA ASP A 229 20.26 -17.81 -5.82
C ASP A 229 19.24 -18.56 -6.68
N ILE A 230 17.98 -18.53 -6.27
CA ILE A 230 16.87 -19.30 -6.78
C ILE A 230 15.67 -18.37 -7.06
N PHE A 231 15.02 -18.63 -8.15
CA PHE A 231 13.78 -17.91 -8.51
C PHE A 231 12.70 -18.91 -8.74
N MET A 232 11.59 -18.88 -7.93
CA MET A 232 10.58 -19.91 -7.97
C MET A 232 9.19 -19.34 -8.20
N ILE A 233 8.60 -19.72 -9.32
CA ILE A 233 7.24 -19.33 -9.65
C ILE A 233 6.28 -20.40 -9.17
N LEU A 234 5.28 -19.97 -8.40
CA LEU A 234 4.26 -20.92 -7.88
C LEU A 234 2.94 -20.70 -8.59
N THR A 235 2.40 -21.68 -9.22
CA THR A 235 1.13 -21.50 -10.01
C THR A 235 0.12 -22.63 -9.69
N ASP A 236 -0.79 -22.85 -10.65
CA ASP A 236 -1.87 -23.84 -10.36
C ASP A 236 -1.66 -25.13 -11.22
N VAL A 237 -0.50 -25.23 -11.83
CA VAL A 237 -0.12 -26.50 -12.46
C VAL A 237 1.33 -26.73 -12.03
N ASN A 238 1.77 -28.02 -11.99
CA ASN A 238 3.09 -28.34 -11.48
C ASN A 238 4.21 -28.34 -12.49
N GLY A 239 4.34 -27.20 -13.18
CA GLY A 239 5.48 -26.96 -14.10
C GLY A 239 4.94 -26.49 -15.43
N ALA A 240 5.87 -26.58 -16.41
CA ALA A 240 5.56 -26.24 -17.81
C ALA A 240 5.57 -27.59 -18.64
N ALA A 241 4.63 -27.64 -19.58
CA ALA A 241 4.52 -28.91 -20.41
C ALA A 241 4.77 -28.55 -21.85
N LEU A 242 5.46 -29.52 -22.55
CA LEU A 242 5.53 -29.43 -24.04
C LEU A 242 4.26 -30.07 -24.52
N TYR A 243 3.77 -29.54 -25.69
CA TYR A 243 2.57 -30.06 -26.32
C TYR A 243 1.42 -30.19 -25.37
N TYR A 244 1.23 -29.13 -24.54
CA TYR A 244 0.23 -29.06 -23.50
C TYR A 244 -1.19 -29.33 -24.00
N GLY A 245 -1.85 -30.29 -23.35
CA GLY A 245 -3.23 -30.61 -23.69
C GLY A 245 -3.33 -31.56 -24.88
N THR A 246 -2.23 -32.05 -25.42
CA THR A 246 -2.33 -32.98 -26.55
C THR A 246 -1.80 -34.37 -26.18
N GLU A 247 -1.83 -35.30 -27.12
CA GLU A 247 -1.32 -36.66 -26.89
C GLU A 247 0.18 -36.72 -26.70
N LYS A 248 0.89 -35.74 -27.19
CA LYS A 248 2.35 -35.71 -27.10
C LYS A 248 2.76 -34.96 -25.81
N GLU A 249 1.75 -34.63 -25.02
CA GLU A 249 2.08 -33.83 -23.81
C GLU A 249 3.19 -34.43 -22.98
N GLN A 250 4.20 -33.65 -22.61
CA GLN A 250 5.28 -34.09 -21.70
C GLN A 250 5.56 -32.96 -20.70
N TRP A 251 5.43 -33.19 -19.42
CA TRP A 251 5.68 -32.22 -18.36
C TRP A 251 7.15 -32.14 -18.09
N LEU A 252 7.77 -30.96 -18.14
CA LEU A 252 9.21 -30.83 -17.95
C LEU A 252 9.59 -31.02 -16.51
N ARG A 253 10.56 -31.87 -16.23
CA ARG A 253 11.14 -31.93 -14.89
C ARG A 253 12.43 -31.20 -14.88
N GLU A 254 13.63 -31.81 -14.82
CA GLU A 254 14.88 -31.05 -14.95
C GLU A 254 15.07 -30.79 -16.45
N VAL A 255 15.44 -29.53 -16.67
CA VAL A 255 15.62 -29.07 -18.07
C VAL A 255 16.76 -28.10 -18.08
N LYS A 256 17.63 -28.12 -19.14
CA LYS A 256 18.67 -27.12 -19.19
C LYS A 256 18.19 -25.89 -20.01
N VAL A 257 18.78 -24.74 -19.66
CA VAL A 257 18.29 -23.49 -20.27
C VAL A 257 18.40 -23.47 -21.78
N GLU A 258 19.40 -24.13 -22.37
CA GLU A 258 19.50 -24.18 -23.86
C GLU A 258 18.32 -24.89 -24.49
N GLU A 259 17.92 -26.03 -23.89
CA GLU A 259 16.78 -26.75 -24.40
C GLU A 259 15.54 -25.88 -24.14
N LEU A 260 15.46 -25.28 -22.93
CA LEU A 260 14.19 -24.56 -22.63
C LEU A 260 14.03 -23.33 -23.55
N ARG A 261 15.14 -22.68 -23.89
CA ARG A 261 14.96 -21.61 -24.90
C ARG A 261 14.43 -22.18 -26.21
N LYS A 262 14.96 -23.33 -26.73
CA LYS A 262 14.39 -23.92 -27.95
C LYS A 262 12.90 -24.22 -27.88
N TYR A 263 12.41 -24.79 -26.73
CA TYR A 263 11.02 -25.11 -26.56
C TYR A 263 10.26 -23.74 -26.60
N TYR A 264 10.83 -22.76 -25.93
CA TYR A 264 10.08 -21.47 -25.92
C TYR A 264 9.84 -20.97 -27.36
N GLU A 265 10.92 -21.07 -28.14
CA GLU A 265 10.78 -20.65 -29.58
C GLU A 265 9.81 -21.49 -30.34
N GLU A 266 9.62 -22.77 -30.03
CA GLU A 266 8.60 -23.60 -30.66
C GLU A 266 7.19 -23.23 -30.27
N GLY A 267 6.99 -22.32 -29.29
CA GLY A 267 5.63 -21.91 -28.96
C GLY A 267 4.81 -22.77 -28.04
N HIS A 268 5.49 -23.70 -27.25
CA HIS A 268 4.64 -24.50 -26.36
C HIS A 268 3.94 -23.72 -25.23
N PHE A 269 4.54 -22.60 -24.80
CA PHE A 269 4.04 -21.94 -23.57
C PHE A 269 3.14 -20.75 -23.93
N LYS A 270 1.86 -20.86 -23.71
CA LYS A 270 0.91 -19.85 -24.24
C LYS A 270 1.25 -18.47 -23.74
N ALA A 271 1.22 -17.46 -24.61
CA ALA A 271 1.59 -16.11 -24.25
C ALA A 271 0.83 -15.50 -23.11
N GLY A 272 -0.42 -15.82 -22.90
CA GLY A 272 -1.03 -15.03 -21.77
C GLY A 272 -0.95 -15.80 -20.44
N SER A 273 -0.10 -16.83 -20.35
CA SER A 273 -0.14 -17.63 -19.09
C SER A 273 1.21 -18.26 -18.82
N MET A 274 1.55 -19.39 -19.47
CA MET A 274 2.85 -20.02 -19.12
C MET A 274 4.02 -19.41 -19.85
N GLY A 275 3.79 -18.68 -20.99
CA GLY A 275 4.90 -18.13 -21.72
C GLY A 275 5.78 -17.20 -20.88
N PRO A 276 5.26 -16.16 -20.20
CA PRO A 276 6.06 -15.26 -19.47
C PRO A 276 6.75 -15.96 -18.25
N LYS A 277 6.14 -17.03 -17.79
CA LYS A 277 6.80 -17.78 -16.68
C LYS A 277 8.10 -18.44 -17.16
N VAL A 278 7.95 -19.10 -18.40
CA VAL A 278 9.22 -19.71 -18.90
C VAL A 278 10.24 -18.69 -19.37
N LEU A 279 9.75 -17.55 -19.94
CA LEU A 279 10.71 -16.48 -20.28
C LEU A 279 11.48 -15.98 -19.05
N ALA A 280 10.72 -15.80 -17.93
CA ALA A 280 11.36 -15.31 -16.72
C ALA A 280 12.39 -16.36 -16.12
N ALA A 281 11.99 -17.63 -16.20
CA ALA A 281 13.01 -18.65 -15.77
C ALA A 281 14.28 -18.70 -16.67
N ILE A 282 14.03 -18.53 -17.97
CA ILE A 282 15.20 -18.48 -18.90
C ILE A 282 16.09 -17.33 -18.61
N ARG A 283 15.44 -16.11 -18.45
CA ARG A 283 16.23 -14.94 -18.09
C ARG A 283 16.96 -15.08 -16.80
N PHE A 284 16.44 -15.70 -15.73
CA PHE A 284 17.16 -15.77 -14.46
C PHE A 284 18.44 -16.69 -14.66
N ILE A 285 18.22 -17.77 -15.44
CA ILE A 285 19.47 -18.59 -15.69
C ILE A 285 20.47 -17.90 -16.58
N GLU A 286 20.03 -17.21 -17.61
CA GLU A 286 20.99 -16.42 -18.42
C GLU A 286 21.68 -15.33 -17.64
N TRP A 287 21.07 -14.72 -16.59
CA TRP A 287 21.71 -13.71 -15.77
C TRP A 287 22.76 -14.32 -14.86
N GLY A 288 22.65 -15.63 -14.67
CA GLY A 288 23.62 -16.30 -13.74
C GLY A 288 23.09 -16.96 -12.52
N GLY A 289 21.75 -17.12 -12.41
CA GLY A 289 21.14 -17.73 -11.19
C GLY A 289 21.47 -19.23 -11.11
N GLU A 290 21.30 -19.82 -9.95
CA GLU A 290 21.61 -21.29 -9.96
C GLU A 290 20.52 -22.18 -10.45
N ARG A 291 19.22 -21.81 -10.19
CA ARG A 291 18.10 -22.68 -10.52
C ARG A 291 16.83 -21.78 -10.59
N ALA A 292 16.01 -22.07 -11.57
CA ALA A 292 14.69 -21.39 -11.63
C ALA A 292 13.71 -22.54 -11.58
N ILE A 293 12.52 -22.35 -10.97
CA ILE A 293 11.56 -23.39 -10.71
C ILE A 293 10.17 -22.97 -11.14
N ILE A 294 9.34 -23.83 -11.71
CA ILE A 294 7.95 -23.54 -11.96
C ILE A 294 7.22 -24.71 -11.34
N ALA A 295 6.34 -24.50 -10.33
CA ALA A 295 5.66 -25.58 -9.66
C ALA A 295 4.31 -25.25 -9.04
N HIS A 296 3.58 -26.20 -8.57
CA HIS A 296 2.32 -25.79 -7.90
C HIS A 296 2.56 -25.23 -6.53
N LEU A 297 1.77 -24.12 -6.24
CA LEU A 297 1.75 -23.62 -4.84
C LEU A 297 1.73 -24.62 -3.69
N GLU A 298 0.86 -25.63 -3.91
CA GLU A 298 0.74 -26.59 -2.80
C GLU A 298 1.93 -27.54 -2.67
N LYS A 299 2.82 -27.55 -3.64
CA LYS A 299 4.02 -28.37 -3.54
C LYS A 299 5.23 -27.53 -3.49
N ALA A 300 5.17 -26.29 -2.90
CA ALA A 300 6.33 -25.39 -2.90
C ALA A 300 7.56 -25.84 -2.21
N VAL A 301 7.37 -26.55 -1.03
CA VAL A 301 8.59 -27.02 -0.31
C VAL A 301 9.29 -28.11 -1.09
N GLU A 302 8.56 -29.09 -1.54
CA GLU A 302 9.22 -30.16 -2.36
C GLU A 302 9.88 -29.64 -3.60
N ALA A 303 9.23 -28.57 -4.22
CA ALA A 303 9.79 -28.00 -5.47
C ALA A 303 11.06 -27.27 -5.17
N LEU A 304 11.13 -26.47 -4.06
CA LEU A 304 12.35 -25.74 -3.73
C LEU A 304 13.44 -26.77 -3.42
N GLU A 305 13.03 -27.91 -2.87
CA GLU A 305 14.10 -28.91 -2.65
C GLU A 305 14.52 -29.66 -3.91
N GLY A 306 13.95 -29.37 -5.02
CA GLY A 306 14.37 -30.02 -6.26
C GLY A 306 13.58 -31.31 -6.52
N LYS A 307 12.55 -31.69 -5.87
CA LYS A 307 11.94 -32.99 -5.99
C LYS A 307 10.74 -33.14 -6.87
N THR A 308 10.14 -32.01 -7.36
CA THR A 308 8.92 -31.99 -8.11
C THR A 308 8.88 -30.66 -8.93
N GLY A 309 8.09 -30.74 -9.99
CA GLY A 309 7.96 -29.50 -10.81
C GLY A 309 9.00 -29.33 -11.87
N THR A 310 9.01 -28.20 -12.60
CA THR A 310 10.05 -27.96 -13.64
C THR A 310 11.20 -27.30 -12.99
N GLN A 311 12.45 -27.79 -13.10
CA GLN A 311 13.67 -27.40 -12.52
C GLN A 311 14.61 -26.97 -13.60
N VAL A 312 14.74 -25.67 -13.84
CA VAL A 312 15.58 -25.15 -14.94
C VAL A 312 16.96 -24.86 -14.40
N LEU A 313 17.99 -25.46 -15.14
CA LEU A 313 19.39 -25.35 -14.70
C LEU A 313 20.26 -24.78 -15.84
N PRO A 314 21.42 -24.26 -15.48
CA PRO A 314 22.38 -23.77 -16.47
C PRO A 314 22.83 -24.86 -17.44
N GLY B 2 21.71 15.90 12.23
CA GLY B 2 20.59 16.86 12.38
C GLY B 2 19.57 16.16 13.36
N LYS B 3 18.66 17.02 13.76
CA LYS B 3 17.65 16.50 14.67
C LYS B 3 16.74 15.57 13.81
N ARG B 4 16.09 14.69 14.59
CA ARG B 4 15.15 13.76 13.93
C ARG B 4 13.73 14.25 14.21
N VAL B 5 12.94 14.40 13.16
CA VAL B 5 11.57 14.91 13.25
C VAL B 5 10.56 13.97 12.59
N VAL B 6 9.47 13.69 13.31
CA VAL B 6 8.30 13.02 12.69
C VAL B 6 7.38 14.11 12.25
N ILE B 7 6.94 14.21 11.01
CA ILE B 7 6.05 15.20 10.49
C ILE B 7 4.70 14.52 10.18
N ALA B 8 3.71 14.92 10.93
CA ALA B 8 2.37 14.31 10.75
C ALA B 8 1.54 15.27 9.92
N LEU B 9 1.44 14.92 8.64
CA LEU B 9 0.60 15.65 7.70
C LEU B 9 -0.87 15.48 7.93
N GLY B 10 -1.67 16.39 7.45
CA GLY B 10 -3.14 16.34 7.65
C GLY B 10 -3.86 16.47 6.30
N GLY B 11 -5.15 16.75 6.39
CA GLY B 11 -5.99 16.76 5.18
C GLY B 11 -5.39 17.66 4.06
N ASN B 12 -4.97 18.83 4.49
CA ASN B 12 -4.53 19.84 3.50
C ASN B 12 -3.29 19.51 2.77
N ALA B 13 -2.61 18.40 3.10
CA ALA B 13 -1.42 17.97 2.33
C ALA B 13 -1.92 17.32 1.03
N LEU B 14 -3.12 16.82 1.03
CA LEU B 14 -3.68 16.11 -0.13
C LEU B 14 -4.86 16.77 -0.80
N GLN B 15 -5.70 17.53 -0.08
CA GLN B 15 -6.91 18.13 -0.63
C GLN B 15 -7.14 19.50 -0.03
N GLN B 16 -7.64 20.38 -0.90
CA GLN B 16 -7.98 21.74 -0.34
C GLN B 16 -9.48 21.75 -0.14
N ARG B 17 -9.89 22.80 0.60
CA ARG B 17 -11.29 23.00 0.91
C ARG B 17 -12.10 23.07 -0.38
N GLY B 18 -13.14 22.27 -0.47
CA GLY B 18 -13.98 22.25 -1.66
C GLY B 18 -13.57 21.29 -2.75
N GLN B 19 -12.39 20.67 -2.67
CA GLN B 19 -11.95 19.77 -3.73
C GLN B 19 -12.48 18.35 -3.57
N LYS B 20 -12.82 17.66 -4.64
CA LYS B 20 -13.31 16.28 -4.49
C LYS B 20 -12.19 15.26 -4.34
N GLY B 21 -10.96 15.65 -4.66
CA GLY B 21 -9.85 14.71 -4.50
C GLY B 21 -9.62 13.96 -5.78
N SER B 22 -9.86 14.70 -6.89
CA SER B 22 -9.48 14.07 -8.14
C SER B 22 -7.98 13.86 -8.09
N TYR B 23 -7.54 12.99 -9.03
CA TYR B 23 -6.16 12.69 -9.17
C TYR B 23 -5.23 13.90 -9.43
N GLU B 24 -5.73 14.73 -10.41
CA GLU B 24 -4.96 15.97 -10.64
C GLU B 24 -4.89 16.92 -9.45
N GLU B 25 -5.98 17.03 -8.70
CA GLU B 25 -5.94 17.87 -7.50
C GLU B 25 -4.90 17.34 -6.49
N MET B 26 -5.00 16.00 -6.31
CA MET B 26 -4.11 15.44 -5.30
C MET B 26 -2.67 15.51 -5.72
N MET B 27 -2.35 15.29 -7.01
CA MET B 27 -0.98 15.46 -7.49
C MET B 27 -0.45 16.91 -7.31
N ASP B 28 -1.32 17.90 -7.50
CA ASP B 28 -0.81 19.28 -7.22
C ASP B 28 -0.56 19.56 -5.73
N ASN B 29 -1.47 19.06 -4.84
CA ASN B 29 -1.31 19.32 -3.45
C ASN B 29 -0.11 18.58 -2.86
N VAL B 30 0.04 17.28 -3.36
CA VAL B 30 1.21 16.51 -2.92
C VAL B 30 2.55 17.15 -3.35
N ARG B 31 2.59 17.75 -4.55
CA ARG B 31 3.87 18.40 -4.98
C ARG B 31 4.11 19.62 -4.10
N LYS B 32 3.08 20.32 -3.72
CA LYS B 32 3.31 21.48 -2.82
C LYS B 32 3.81 21.05 -1.47
N THR B 33 3.22 19.91 -0.96
CA THR B 33 3.71 19.35 0.31
C THR B 33 5.16 18.92 0.23
N ALA B 34 5.53 18.21 -0.89
CA ALA B 34 6.85 17.70 -1.08
C ALA B 34 7.90 18.83 -1.19
N ARG B 35 7.43 20.01 -1.69
CA ARG B 35 8.52 21.05 -1.67
C ARG B 35 8.81 21.50 -0.27
N GLN B 36 7.74 21.60 0.63
CA GLN B 36 8.08 21.93 2.00
C GLN B 36 8.95 20.96 2.74
N ILE B 37 8.67 19.59 2.53
CA ILE B 37 9.47 18.59 3.17
C ILE B 37 10.91 18.56 2.63
N ALA B 38 10.94 18.85 1.27
CA ALA B 38 12.29 18.86 0.65
C ALA B 38 13.16 19.99 1.23
N GLU B 39 12.53 21.11 1.57
CA GLU B 39 13.31 22.18 2.19
C GLU B 39 13.90 21.78 3.49
N ILE B 40 13.06 21.00 4.29
CA ILE B 40 13.46 20.57 5.59
C ILE B 40 14.58 19.55 5.53
N ILE B 41 14.53 18.61 4.51
CA ILE B 41 15.60 17.69 4.23
C ILE B 41 16.89 18.43 3.75
N ALA B 42 16.71 19.44 2.97
CA ALA B 42 17.95 20.23 2.56
C ALA B 42 18.62 20.84 3.75
N ARG B 43 17.83 21.23 4.78
CA ARG B 43 18.46 21.79 5.99
C ARG B 43 19.12 20.83 6.91
N GLY B 44 19.16 19.48 6.65
CA GLY B 44 19.82 18.53 7.46
C GLY B 44 19.04 17.69 8.49
N TYR B 45 17.73 17.98 8.50
CA TYR B 45 16.92 17.13 9.43
C TYR B 45 16.70 15.68 8.97
N GLU B 46 16.65 14.74 9.88
CA GLU B 46 16.31 13.30 9.64
C GLU B 46 14.76 13.25 9.72
N VAL B 47 14.07 13.04 8.63
CA VAL B 47 12.62 13.14 8.52
C VAL B 47 11.92 11.79 8.35
N VAL B 48 10.86 11.65 9.15
CA VAL B 48 9.95 10.51 9.13
C VAL B 48 8.57 11.05 8.92
N ILE B 49 7.78 10.51 7.99
CA ILE B 49 6.53 11.04 7.54
C ILE B 49 5.31 10.15 7.85
N THR B 50 4.30 10.80 8.41
CA THR B 50 2.99 10.11 8.51
C THR B 50 1.92 11.04 8.01
N HIS B 51 0.65 10.67 7.89
CA HIS B 51 -0.40 11.40 7.26
C HIS B 51 -1.81 10.90 7.67
N GLY B 52 -2.80 11.63 7.30
CA GLY B 52 -4.18 11.20 7.53
C GLY B 52 -4.71 10.44 6.31
N ASN B 53 -5.93 9.88 6.44
CA ASN B 53 -6.56 9.23 5.27
C ASN B 53 -8.08 9.30 5.30
N GLY B 54 -8.67 10.23 6.10
CA GLY B 54 -10.15 10.18 6.20
C GLY B 54 -10.92 10.32 4.90
N PRO B 55 -10.64 11.32 4.11
CA PRO B 55 -11.37 11.48 2.86
C PRO B 55 -11.05 10.36 1.90
N GLN B 56 -9.83 9.78 1.95
CA GLN B 56 -9.41 8.75 1.02
C GLN B 56 -10.03 7.38 1.35
N VAL B 57 -10.08 7.02 2.62
CA VAL B 57 -10.80 5.80 3.01
C VAL B 57 -12.30 6.08 2.74
N GLY B 58 -12.72 7.35 3.03
CA GLY B 58 -14.21 7.52 2.74
C GLY B 58 -14.52 7.32 1.22
N SER B 59 -13.66 7.88 0.37
CA SER B 59 -13.94 7.61 -1.08
C SER B 59 -13.92 6.14 -1.42
N LEU B 60 -12.92 5.38 -0.88
CA LEU B 60 -12.93 3.93 -1.15
C LEU B 60 -14.18 3.19 -0.61
N LEU B 61 -14.66 3.61 0.56
CA LEU B 61 -15.90 2.95 1.03
C LEU B 61 -17.07 3.38 0.08
N LEU B 62 -17.13 4.56 -0.37
CA LEU B 62 -18.21 4.94 -1.33
C LEU B 62 -18.14 4.13 -2.60
N HIS B 63 -16.88 4.03 -3.18
CA HIS B 63 -16.65 3.28 -4.38
C HIS B 63 -17.09 1.85 -4.23
N MET B 64 -16.70 1.14 -3.12
CA MET B 64 -16.97 -0.26 -3.01
C MET B 64 -18.48 -0.51 -2.71
N ASP B 65 -19.08 0.47 -2.02
CA ASP B 65 -20.57 0.24 -1.89
C ASP B 65 -21.23 0.31 -3.28
N ALA B 66 -20.75 1.21 -4.12
CA ALA B 66 -21.34 1.29 -5.47
C ALA B 66 -20.95 0.10 -6.34
N GLY B 67 -19.67 -0.36 -6.25
CA GLY B 67 -19.22 -1.51 -7.03
C GLY B 67 -20.07 -2.72 -6.73
N GLN B 68 -20.27 -2.98 -5.38
CA GLN B 68 -21.03 -4.16 -4.95
C GLN B 68 -22.47 -4.02 -5.49
N ALA B 69 -22.97 -2.80 -5.44
CA ALA B 69 -24.40 -2.70 -5.97
C ALA B 69 -24.48 -2.85 -7.46
N THR B 70 -23.53 -2.36 -8.25
CA THR B 70 -23.62 -2.38 -9.71
C THR B 70 -23.12 -3.63 -10.35
N TYR B 71 -22.00 -4.20 -9.84
CA TYR B 71 -21.35 -5.33 -10.46
C TYR B 71 -21.41 -6.54 -9.56
N GLY B 72 -21.89 -6.52 -8.32
CA GLY B 72 -22.01 -7.68 -7.48
C GLY B 72 -20.73 -8.26 -6.87
N ILE B 73 -19.73 -7.40 -7.02
CA ILE B 73 -18.37 -7.78 -6.50
C ILE B 73 -18.30 -7.35 -5.05
N PRO B 74 -17.61 -8.10 -4.19
CA PRO B 74 -17.72 -7.83 -2.79
C PRO B 74 -17.01 -6.56 -2.32
N ALA B 75 -17.63 -5.84 -1.44
CA ALA B 75 -16.97 -4.68 -0.85
C ALA B 75 -15.97 -5.22 0.21
N GLN B 76 -14.85 -4.55 0.33
CA GLN B 76 -13.88 -5.01 1.36
C GLN B 76 -14.03 -4.22 2.61
N PRO B 77 -13.62 -4.74 3.76
CA PRO B 77 -13.81 -4.15 5.06
C PRO B 77 -12.88 -2.98 5.36
N MET B 78 -13.04 -2.25 6.44
CA MET B 78 -12.27 -1.02 6.70
C MET B 78 -10.82 -1.30 6.86
N ASP B 79 -10.38 -2.41 7.41
CA ASP B 79 -8.88 -2.59 7.55
C ASP B 79 -8.31 -2.69 6.14
N VAL B 80 -8.91 -3.42 5.21
CA VAL B 80 -8.44 -3.46 3.85
C VAL B 80 -8.49 -2.07 3.22
N ALA B 81 -9.54 -1.25 3.42
CA ALA B 81 -9.58 0.10 2.85
C ALA B 81 -8.45 0.93 3.39
N GLY B 82 -8.07 0.72 4.66
CA GLY B 82 -6.94 1.53 5.18
C GLY B 82 -5.65 1.08 4.53
N ALA B 83 -5.46 -0.23 4.31
CA ALA B 83 -4.22 -0.67 3.62
C ALA B 83 -4.18 -0.15 2.20
N MET B 84 -5.32 -0.15 1.49
CA MET B 84 -5.36 0.45 0.13
C MET B 84 -4.97 1.92 0.17
N SER B 85 -5.48 2.65 1.18
CA SER B 85 -5.15 4.08 1.27
C SER B 85 -3.66 4.31 1.50
N GLN B 86 -3.07 3.44 2.34
CA GLN B 86 -1.60 3.63 2.59
C GLN B 86 -0.83 3.42 1.29
N GLY B 87 -1.21 2.44 0.46
CA GLY B 87 -0.45 2.25 -0.80
C GLY B 87 -0.67 3.46 -1.74
N TRP B 88 -1.92 3.90 -1.81
CA TRP B 88 -2.27 5.10 -2.70
C TRP B 88 -1.50 6.34 -2.27
N ILE B 89 -1.71 6.76 -1.02
CA ILE B 89 -1.09 8.05 -0.59
C ILE B 89 0.39 7.91 -0.53
N GLY B 90 0.88 6.77 0.00
CA GLY B 90 2.36 6.63 0.12
C GLY B 90 2.98 6.57 -1.23
N TYR B 91 2.44 5.95 -2.26
CA TYR B 91 3.01 5.99 -3.63
C TYR B 91 3.06 7.45 -4.06
N MET B 92 2.02 8.26 -3.89
CA MET B 92 2.09 9.63 -4.44
C MET B 92 3.11 10.43 -3.67
N ILE B 93 3.20 10.31 -2.34
CA ILE B 93 4.22 11.12 -1.59
C ILE B 93 5.59 10.59 -1.88
N GLN B 94 5.89 9.30 -1.95
CA GLN B 94 7.30 8.86 -2.17
C GLN B 94 7.71 9.28 -3.55
N GLN B 95 6.88 9.24 -4.56
CA GLN B 95 7.34 9.64 -5.96
C GLN B 95 7.51 11.16 -5.90
N ALA B 96 6.61 11.95 -5.40
CA ALA B 96 6.82 13.45 -5.52
C ALA B 96 8.02 13.83 -4.67
N LEU B 97 8.23 13.31 -3.49
CA LEU B 97 9.36 13.76 -2.66
C LEU B 97 10.61 13.26 -3.27
N LYS B 98 10.85 12.08 -3.73
CA LYS B 98 12.13 11.67 -4.39
C LYS B 98 12.27 12.51 -5.62
N ASN B 99 11.25 12.89 -6.37
CA ASN B 99 11.49 13.75 -7.58
C ASN B 99 11.90 15.13 -7.09
N GLU B 100 11.33 15.70 -6.08
CA GLU B 100 11.67 17.15 -5.71
C GLU B 100 13.04 17.05 -5.17
N LEU B 101 13.53 16.10 -4.43
CA LEU B 101 14.91 16.02 -3.95
C LEU B 101 15.83 15.83 -5.16
N ARG B 102 15.49 15.07 -6.17
CA ARG B 102 16.43 14.90 -7.31
C ARG B 102 16.45 16.30 -7.97
N LYS B 103 15.41 17.04 -8.11
CA LYS B 103 15.45 18.38 -8.76
C LYS B 103 16.37 19.28 -7.99
N ARG B 104 16.53 19.11 -6.71
CA ARG B 104 17.45 19.88 -5.81
C ARG B 104 18.85 19.26 -5.86
N GLY B 105 19.16 18.35 -6.70
CA GLY B 105 20.48 17.70 -6.81
C GLY B 105 20.86 16.77 -5.68
N MET B 106 19.79 16.27 -4.94
CA MET B 106 19.87 15.41 -3.79
C MET B 106 19.28 14.01 -4.08
N GLU B 107 20.08 12.99 -3.97
CA GLU B 107 19.53 11.61 -4.23
C GLU B 107 19.19 11.03 -2.87
N LYS B 108 17.88 10.66 -2.62
CA LYS B 108 17.63 10.08 -1.31
C LYS B 108 16.68 8.89 -1.59
N LYS B 109 16.70 7.99 -0.63
CA LYS B 109 15.72 6.81 -0.78
C LYS B 109 14.49 7.19 0.05
N VAL B 110 13.32 6.98 -0.57
CA VAL B 110 12.04 7.40 0.01
C VAL B 110 11.08 6.20 -0.20
N VAL B 111 10.60 5.61 0.92
CA VAL B 111 9.75 4.41 0.78
C VAL B 111 8.54 4.52 1.70
N THR B 112 7.45 3.83 1.33
CA THR B 112 6.30 3.59 2.17
C THR B 112 6.37 2.11 2.62
N ILE B 113 6.16 2.01 3.92
CA ILE B 113 6.04 0.66 4.58
C ILE B 113 4.59 0.48 5.06
N ILE B 114 3.91 -0.62 4.60
CA ILE B 114 2.50 -0.83 5.03
C ILE B 114 2.51 -1.21 6.53
N THR B 115 1.71 -0.48 7.28
CA THR B 115 1.84 -0.46 8.75
C THR B 115 0.51 -0.87 9.38
N GLN B 116 0.70 -1.74 10.42
CA GLN B 116 -0.40 -2.19 11.28
C GLN B 116 -0.22 -1.61 12.70
N THR B 117 -1.26 -1.02 13.25
CA THR B 117 -1.19 -0.35 14.56
C THR B 117 -1.98 -1.18 15.57
N ILE B 118 -1.26 -1.64 16.58
CA ILE B 118 -1.86 -2.46 17.61
C ILE B 118 -2.66 -1.62 18.65
N VAL B 119 -3.86 -2.19 18.90
CA VAL B 119 -4.69 -1.61 19.99
C VAL B 119 -5.07 -2.76 20.94
N ASP B 120 -5.55 -2.36 22.15
CA ASP B 120 -6.00 -3.42 23.14
C ASP B 120 -7.43 -3.85 22.74
N LYS B 121 -7.58 -5.17 22.70
CA LYS B 121 -8.91 -5.69 22.40
C LYS B 121 -9.89 -5.30 23.52
N ASN B 122 -9.45 -4.97 24.72
CA ASN B 122 -10.43 -4.54 25.73
C ASN B 122 -10.56 -3.04 25.90
N ASP B 123 -10.08 -2.29 24.88
CA ASP B 123 -10.08 -0.83 24.91
C ASP B 123 -11.57 -0.46 25.05
N PRO B 124 -11.92 0.55 25.87
CA PRO B 124 -13.29 0.89 26.03
C PRO B 124 -13.92 1.49 24.82
N ALA B 125 -13.15 1.94 23.84
CA ALA B 125 -13.75 2.44 22.62
C ALA B 125 -14.53 1.35 21.88
N PHE B 126 -14.18 0.06 22.05
CA PHE B 126 -14.97 -0.96 21.34
C PHE B 126 -16.38 -1.14 22.01
N GLN B 127 -16.52 -0.69 23.23
CA GLN B 127 -17.90 -0.71 23.80
C GLN B 127 -18.68 0.50 23.39
N ASN B 128 -18.07 1.56 22.91
CA ASN B 128 -18.79 2.78 22.59
C ASN B 128 -18.19 3.43 21.36
N PRO B 129 -18.63 2.92 20.19
CA PRO B 129 -18.21 3.50 18.89
C PRO B 129 -18.82 4.88 18.59
N THR B 130 -17.89 5.83 18.30
CA THR B 130 -18.49 7.19 18.16
C THR B 130 -18.10 7.90 16.90
N LYS B 131 -17.22 7.28 16.17
CA LYS B 131 -16.76 8.04 14.97
C LYS B 131 -17.60 7.76 13.80
N PRO B 132 -18.36 8.68 13.15
CA PRO B 132 -19.09 8.39 11.96
C PRO B 132 -18.26 8.27 10.66
N VAL B 133 -18.50 7.36 9.84
CA VAL B 133 -17.83 7.04 8.60
C VAL B 133 -18.68 6.46 7.45
N GLY B 134 -18.18 6.43 6.20
CA GLY B 134 -18.87 5.88 5.07
C GLY B 134 -19.95 6.69 4.40
N PRO B 135 -20.75 6.09 3.55
CA PRO B 135 -21.88 6.69 2.92
C PRO B 135 -22.98 7.11 3.87
N PHE B 136 -23.76 8.07 3.37
CA PHE B 136 -24.96 8.51 4.09
C PHE B 136 -26.11 7.66 3.55
N TYR B 137 -26.71 6.80 4.38
CA TYR B 137 -27.77 5.95 3.97
C TYR B 137 -29.10 6.48 4.54
N ASP B 138 -30.19 5.95 3.97
CA ASP B 138 -31.46 6.21 4.64
C ASP B 138 -31.55 5.24 5.87
N GLU B 139 -32.56 5.51 6.71
CA GLU B 139 -32.80 4.75 7.93
C GLU B 139 -32.96 3.26 7.66
N GLU B 140 -33.72 2.88 6.65
CA GLU B 140 -33.99 1.51 6.28
C GLU B 140 -32.76 0.74 5.85
N THR B 141 -31.91 1.45 5.07
CA THR B 141 -30.76 0.64 4.60
C THR B 141 -29.78 0.58 5.78
N ALA B 142 -29.63 1.74 6.43
CA ALA B 142 -28.62 1.70 7.57
C ALA B 142 -28.91 0.70 8.67
N LYS B 143 -30.22 0.51 9.04
CA LYS B 143 -30.65 -0.49 10.02
C LYS B 143 -30.58 -1.84 9.43
N ARG B 144 -30.76 -2.15 8.16
CA ARG B 144 -30.57 -3.48 7.61
C ARG B 144 -29.11 -3.91 7.60
N LEU B 145 -28.22 -2.97 7.26
CA LEU B 145 -26.76 -3.21 7.35
C LEU B 145 -26.36 -3.54 8.77
N ALA B 146 -27.01 -2.92 9.77
CA ALA B 146 -26.68 -3.16 11.15
C ALA B 146 -27.07 -4.56 11.46
N ARG B 147 -28.31 -4.93 11.03
CA ARG B 147 -28.73 -6.29 11.38
C ARG B 147 -27.79 -7.28 10.69
N GLU B 148 -27.56 -7.08 9.39
CA GLU B 148 -26.78 -8.14 8.73
C GLU B 148 -25.30 -8.19 9.01
N LYS B 149 -24.67 -7.06 9.36
CA LYS B 149 -23.23 -7.05 9.50
C LYS B 149 -22.76 -6.82 10.91
N GLY B 150 -23.69 -6.41 11.82
CA GLY B 150 -23.20 -6.20 13.17
C GLY B 150 -22.70 -4.74 13.31
N TRP B 151 -23.17 -3.95 12.37
CA TRP B 151 -22.73 -2.53 12.54
C TRP B 151 -23.58 -1.71 13.50
N ILE B 152 -23.02 -0.62 13.97
CA ILE B 152 -23.72 0.35 14.76
C ILE B 152 -23.97 1.56 13.88
N VAL B 153 -25.19 2.12 13.87
CA VAL B 153 -25.48 3.29 13.08
C VAL B 153 -26.09 4.34 13.95
N LYS B 154 -25.93 5.61 13.50
CA LYS B 154 -26.54 6.72 14.18
C LYS B 154 -26.89 7.80 13.14
N GLU B 155 -28.03 8.52 13.37
CA GLU B 155 -28.34 9.58 12.38
C GLU B 155 -27.23 10.62 12.61
N ASP B 156 -26.57 11.05 11.51
CA ASP B 156 -25.39 11.90 11.61
C ASP B 156 -25.69 13.34 11.21
N SER B 157 -25.74 14.22 12.19
CA SER B 157 -25.96 15.65 11.91
C SER B 157 -27.08 15.95 10.93
N GLY B 158 -28.10 15.10 10.82
CA GLY B 158 -29.23 15.32 9.95
C GLY B 158 -29.05 15.15 8.46
N ARG B 159 -27.98 14.53 8.02
CA ARG B 159 -27.66 14.30 6.62
C ARG B 159 -27.96 12.86 6.20
N GLY B 160 -28.39 12.04 7.15
CA GLY B 160 -28.70 10.64 6.81
C GLY B 160 -28.06 9.75 7.92
N TRP B 161 -28.17 8.44 7.72
CA TRP B 161 -27.64 7.53 8.74
C TRP B 161 -26.28 7.00 8.25
N ARG B 162 -25.38 6.90 9.23
CA ARG B 162 -24.04 6.34 8.84
C ARG B 162 -23.47 5.46 9.96
N ARG B 163 -22.68 4.44 9.50
CA ARG B 163 -22.01 3.70 10.52
C ARG B 163 -21.19 4.60 11.41
N VAL B 164 -21.06 4.24 12.70
CA VAL B 164 -20.15 4.75 13.67
C VAL B 164 -19.26 3.54 14.04
N VAL B 165 -17.97 3.87 14.13
CA VAL B 165 -16.96 2.85 14.49
C VAL B 165 -16.11 3.28 15.66
N PRO B 166 -15.41 2.36 16.31
CA PRO B 166 -14.53 2.65 17.47
C PRO B 166 -13.27 3.45 17.10
N SER B 167 -12.85 4.30 18.09
CA SER B 167 -11.59 5.07 17.92
C SER B 167 -10.62 4.66 19.02
N PRO B 168 -10.04 3.53 19.06
CA PRO B 168 -9.20 3.02 20.14
C PRO B 168 -7.85 3.74 20.20
N ASP B 169 -7.24 3.65 21.40
CA ASP B 169 -5.93 4.37 21.56
C ASP B 169 -4.82 3.49 21.01
N PRO B 170 -3.93 4.09 20.15
CA PRO B 170 -2.84 3.32 19.57
C PRO B 170 -1.78 2.96 20.59
N LYS B 171 -1.41 1.69 20.55
CA LYS B 171 -0.37 1.21 21.49
C LYS B 171 1.02 1.17 20.87
N GLY B 172 1.04 0.82 19.56
CA GLY B 172 2.37 0.71 18.95
C GLY B 172 2.16 0.16 17.53
N HIS B 173 3.23 0.02 16.79
CA HIS B 173 3.14 -0.52 15.42
C HIS B 173 3.80 -1.84 15.26
N VAL B 174 3.18 -2.77 14.53
CA VAL B 174 3.73 -4.07 14.28
C VAL B 174 5.13 -4.05 13.64
N GLU B 175 5.35 -3.09 12.70
CA GLU B 175 6.57 -2.90 11.95
C GLU B 175 7.54 -1.92 12.53
N ALA B 176 7.34 -1.56 13.85
CA ALA B 176 8.25 -0.54 14.39
C ALA B 176 9.73 -0.91 14.24
N GLU B 177 10.15 -2.11 14.48
CA GLU B 177 11.60 -2.38 14.41
C GLU B 177 12.15 -2.07 13.03
N THR B 178 11.42 -2.44 12.01
CA THR B 178 11.92 -2.26 10.61
C THR B 178 11.88 -0.81 10.30
N ILE B 179 10.86 -0.03 10.62
CA ILE B 179 10.76 1.39 10.42
C ILE B 179 11.99 2.06 11.05
N LYS B 180 12.23 1.73 12.33
CA LYS B 180 13.42 2.43 12.92
C LYS B 180 14.71 2.02 12.19
N LYS B 181 14.89 0.78 11.80
CA LYS B 181 16.14 0.37 11.12
C LYS B 181 16.31 1.22 9.88
N LEU B 182 15.27 1.42 9.06
CA LEU B 182 15.35 2.19 7.86
C LEU B 182 15.71 3.60 8.22
N VAL B 183 15.06 4.27 9.20
CA VAL B 183 15.34 5.64 9.53
C VAL B 183 16.82 5.76 9.90
N GLU B 184 17.28 4.80 10.71
CA GLU B 184 18.70 4.95 11.17
C GLU B 184 19.65 4.83 10.02
N ARG B 185 19.30 4.32 8.87
CA ARG B 185 20.21 4.20 7.73
C ARG B 185 19.91 5.29 6.72
N GLY B 186 19.22 6.36 7.09
CA GLY B 186 19.05 7.49 6.21
C GLY B 186 17.94 7.42 5.20
N VAL B 187 17.06 6.37 5.33
CA VAL B 187 15.97 6.36 4.36
C VAL B 187 14.86 7.23 4.88
N ILE B 188 14.13 7.96 4.06
CA ILE B 188 12.92 8.71 4.38
C ILE B 188 11.69 7.74 4.27
N VAL B 189 11.18 7.48 5.50
CA VAL B 189 10.07 6.46 5.48
C VAL B 189 8.76 7.16 5.72
N ILE B 190 7.75 6.70 4.99
CA ILE B 190 6.35 7.05 5.12
C ILE B 190 5.65 5.82 5.80
N ALA B 191 5.11 6.08 7.01
CA ALA B 191 4.55 4.95 7.77
C ALA B 191 3.38 5.45 8.62
N SER B 192 2.66 4.39 9.14
CA SER B 192 1.42 4.67 9.99
C SER B 192 0.45 5.54 9.21
N GLY B 193 0.36 5.38 7.88
CA GLY B 193 -0.58 6.19 7.08
C GLY B 193 -1.99 6.13 7.62
N GLY B 194 -2.71 7.26 7.85
CA GLY B 194 -4.05 7.11 8.35
C GLY B 194 -4.11 6.67 9.84
N GLY B 195 -2.99 6.59 10.49
CA GLY B 195 -3.03 6.02 11.80
C GLY B 195 -2.66 4.52 11.77
N GLY B 196 -2.48 3.92 10.60
CA GLY B 196 -2.13 2.55 10.39
C GLY B 196 -3.39 1.69 10.32
N VAL B 197 -3.23 0.43 9.90
CA VAL B 197 -4.43 -0.46 9.87
C VAL B 197 -4.65 -0.85 11.31
N PRO B 198 -5.87 -0.72 11.96
CA PRO B 198 -6.11 -1.14 13.30
C PRO B 198 -6.05 -2.65 13.45
N VAL B 199 -5.26 -3.19 14.41
CA VAL B 199 -5.23 -4.66 14.58
C VAL B 199 -5.17 -4.95 16.12
N ILE B 200 -5.68 -6.14 16.36
CA ILE B 200 -5.51 -6.65 17.78
C ILE B 200 -4.74 -7.94 17.63
N LEU B 201 -4.13 -8.35 18.82
CA LEU B 201 -3.46 -9.64 18.95
C LEU B 201 -4.24 -10.67 19.78
N GLU B 202 -4.41 -11.84 19.12
CA GLU B 202 -5.22 -12.87 19.85
C GLU B 202 -4.88 -14.25 19.25
N ASP B 203 -4.47 -15.10 20.27
CA ASP B 203 -4.21 -16.50 19.97
C ASP B 203 -3.13 -16.69 18.92
N GLY B 204 -2.11 -15.86 19.06
CA GLY B 204 -0.96 -15.95 18.09
C GLY B 204 -1.12 -15.06 16.84
N GLU B 205 -2.39 -14.59 16.66
CA GLU B 205 -2.58 -13.88 15.39
C GLU B 205 -2.96 -12.41 15.57
N ILE B 206 -2.21 -11.66 14.73
CA ILE B 206 -2.65 -10.22 14.50
C ILE B 206 -3.86 -10.27 13.51
N LYS B 207 -4.93 -9.54 13.93
CA LYS B 207 -6.21 -9.62 13.17
C LYS B 207 -6.67 -8.16 13.00
N GLY B 208 -7.08 -7.82 11.77
CA GLY B 208 -7.67 -6.48 11.55
C GLY B 208 -9.03 -6.30 12.26
N VAL B 209 -9.27 -5.07 12.66
CA VAL B 209 -10.56 -4.68 13.19
C VAL B 209 -11.02 -3.40 12.44
N GLU B 210 -12.33 -3.17 12.30
CA GLU B 210 -12.89 -2.00 11.65
C GLU B 210 -13.04 -0.86 12.65
N ALA B 211 -12.16 0.12 12.50
CA ALA B 211 -12.05 1.26 13.45
C ALA B 211 -11.24 2.39 12.77
N VAL B 212 -11.23 3.48 13.53
CA VAL B 212 -10.37 4.58 13.02
C VAL B 212 -9.33 4.80 14.04
N ILE B 213 -8.05 4.89 13.84
CA ILE B 213 -7.11 5.32 14.86
C ILE B 213 -6.70 6.74 14.51
N ASP B 214 -6.67 7.61 15.55
CA ASP B 214 -6.22 9.01 15.32
C ASP B 214 -4.78 9.06 14.81
N LYS B 215 -4.62 9.78 13.64
CA LYS B 215 -3.31 9.78 13.03
C LYS B 215 -2.23 10.61 13.80
N ASP B 216 -2.74 11.58 14.63
CA ASP B 216 -1.72 12.30 15.42
C ASP B 216 -1.29 11.50 16.66
N LEU B 217 -2.30 10.90 17.33
CA LEU B 217 -1.89 9.97 18.44
C LEU B 217 -0.98 8.83 17.95
N ALA B 218 -1.31 8.23 16.78
CA ALA B 218 -0.47 7.14 16.27
C ALA B 218 0.91 7.66 15.79
N GLY B 219 0.85 8.92 15.28
CA GLY B 219 2.11 9.58 14.84
C GLY B 219 3.02 9.83 16.05
N GLU B 220 2.40 10.20 17.22
CA GLU B 220 3.26 10.37 18.41
C GLU B 220 3.92 9.10 18.89
N LYS B 221 3.13 7.95 18.75
CA LYS B 221 3.76 6.67 19.08
C LYS B 221 4.86 6.26 18.12
N LEU B 222 4.72 6.62 16.82
CA LEU B 222 5.83 6.40 15.85
C LEU B 222 7.04 7.28 16.25
N ALA B 223 6.77 8.49 16.71
CA ALA B 223 7.86 9.39 17.10
C ALA B 223 8.59 8.81 18.31
N GLU B 224 7.89 8.18 19.24
CA GLU B 224 8.61 7.51 20.38
C GLU B 224 9.43 6.38 19.80
N GLU B 225 8.84 5.52 18.93
CA GLU B 225 9.49 4.35 18.35
C GLU B 225 10.77 4.65 17.54
N VAL B 226 10.84 5.80 16.92
CA VAL B 226 12.05 6.08 16.12
C VAL B 226 12.95 6.94 16.95
N ASN B 227 12.60 7.18 18.21
CA ASN B 227 13.45 8.13 18.99
C ASN B 227 13.57 9.48 18.39
N ALA B 228 12.47 10.08 17.94
CA ALA B 228 12.54 11.40 17.40
C ALA B 228 12.79 12.47 18.50
N ASP B 229 13.46 13.55 18.03
CA ASP B 229 13.69 14.69 18.89
C ASP B 229 12.52 15.61 18.89
N ILE B 230 11.84 15.83 17.76
CA ILE B 230 10.80 16.78 17.46
C ILE B 230 9.60 16.04 16.83
N PHE B 231 8.44 16.42 17.27
CA PHE B 231 7.20 15.85 16.70
C PHE B 231 6.44 17.02 16.12
N MET B 232 6.15 17.19 14.83
CA MET B 232 5.48 18.30 14.28
C MET B 232 4.18 17.94 13.59
N ILE B 233 3.05 18.46 13.98
CA ILE B 233 1.78 18.35 13.31
C ILE B 233 1.54 19.50 12.40
N LEU B 234 1.29 19.29 11.11
CA LEU B 234 0.97 20.32 10.15
C LEU B 234 -0.46 20.25 9.73
N THR B 235 -1.14 21.36 9.98
CA THR B 235 -2.58 21.41 9.74
C THR B 235 -3.02 22.66 8.96
N ASP B 236 -4.26 23.02 8.97
CA ASP B 236 -4.79 24.13 8.19
C ASP B 236 -5.07 25.41 9.02
N VAL B 237 -4.56 25.39 10.24
CA VAL B 237 -4.51 26.61 11.09
C VAL B 237 -3.12 26.62 11.67
N ASN B 238 -2.64 27.80 12.10
CA ASN B 238 -1.25 27.86 12.52
C ASN B 238 -1.07 27.76 14.01
N GLY B 239 -1.52 26.61 14.58
CA GLY B 239 -1.30 26.25 16.00
C GLY B 239 -2.67 25.80 16.54
N ALA B 240 -2.69 26.02 17.89
CA ALA B 240 -3.84 25.78 18.79
C ALA B 240 -4.19 27.16 19.41
N ALA B 241 -5.45 27.38 19.52
CA ALA B 241 -5.96 28.69 20.07
C ALA B 241 -6.84 28.38 21.29
N LEU B 242 -6.74 29.34 22.25
CA LEU B 242 -7.72 29.47 23.37
C LEU B 242 -8.94 30.21 22.86
N TYR B 243 -10.13 29.86 23.33
CA TYR B 243 -11.40 30.47 23.02
C TYR B 243 -11.52 30.62 21.50
N TYR B 244 -11.21 29.51 20.81
CA TYR B 244 -11.28 29.47 19.35
C TYR B 244 -12.62 29.93 18.80
N GLY B 245 -12.64 30.74 17.71
CA GLY B 245 -13.81 31.22 17.02
C GLY B 245 -14.54 32.28 17.88
N THR B 246 -13.96 32.73 18.99
CA THR B 246 -14.74 33.71 19.79
C THR B 246 -14.01 35.04 19.74
N GLU B 247 -14.61 36.05 20.39
CA GLU B 247 -13.92 37.35 20.39
C GLU B 247 -12.69 37.34 21.28
N LYS B 248 -12.47 36.36 22.15
CA LYS B 248 -11.36 36.21 23.04
C LYS B 248 -10.31 35.23 22.46
N GLU B 249 -10.47 34.94 21.16
CA GLU B 249 -9.57 33.98 20.51
C GLU B 249 -8.14 34.38 20.67
N GLN B 250 -7.27 33.54 21.18
CA GLN B 250 -5.85 33.77 21.40
C GLN B 250 -4.99 32.60 20.93
N TRP B 251 -4.18 32.81 19.89
CA TRP B 251 -3.32 31.75 19.37
C TRP B 251 -2.14 31.50 20.23
N LEU B 252 -1.90 30.22 20.62
CA LEU B 252 -0.77 29.88 21.42
C LEU B 252 0.52 29.94 20.61
N ARG B 253 1.60 30.47 21.20
CA ARG B 253 2.92 30.48 20.60
C ARG B 253 3.76 29.59 21.41
N GLU B 254 4.81 29.89 22.15
CA GLU B 254 5.57 29.06 23.04
C GLU B 254 4.72 28.84 24.32
N VAL B 255 4.53 27.58 24.63
CA VAL B 255 3.73 27.14 25.75
C VAL B 255 4.36 25.96 26.44
N LYS B 256 4.53 26.01 27.81
CA LYS B 256 5.04 24.88 28.53
C LYS B 256 3.99 23.71 28.67
N VAL B 257 4.48 22.50 28.74
CA VAL B 257 3.45 21.39 28.74
C VAL B 257 2.53 21.46 29.96
N GLU B 258 3.00 21.92 31.12
CA GLU B 258 2.06 22.04 32.27
C GLU B 258 0.94 23.00 31.99
N GLU B 259 1.18 24.13 31.34
CA GLU B 259 0.16 25.11 31.00
C GLU B 259 -0.77 24.57 29.93
N LEU B 260 -0.13 23.89 28.93
CA LEU B 260 -1.00 23.29 27.89
C LEU B 260 -1.90 22.18 28.47
N ARG B 261 -1.44 21.44 29.46
CA ARG B 261 -2.35 20.44 30.04
C ARG B 261 -3.54 21.08 30.78
N LYS B 262 -3.30 22.26 31.33
CA LYS B 262 -4.40 22.96 32.06
C LYS B 262 -5.44 23.47 31.06
N TYR B 263 -4.90 24.08 29.96
CA TYR B 263 -5.73 24.56 28.87
C TYR B 263 -6.55 23.42 28.27
N TYR B 264 -5.91 22.26 28.14
CA TYR B 264 -6.61 21.06 27.60
C TYR B 264 -7.85 20.64 28.45
N GLU B 265 -7.57 20.59 29.78
CA GLU B 265 -8.76 20.26 30.62
C GLU B 265 -9.83 21.35 30.65
N GLU B 266 -9.47 22.57 30.33
CA GLU B 266 -10.46 23.64 30.22
C GLU B 266 -11.43 23.46 29.05
N GLY B 267 -10.96 22.64 28.02
CA GLY B 267 -11.83 22.35 26.89
C GLY B 267 -11.64 23.10 25.59
N HIS B 268 -10.57 23.93 25.52
CA HIS B 268 -10.39 24.75 24.33
C HIS B 268 -10.16 24.04 22.97
N PHE B 269 -9.71 22.82 23.07
CA PHE B 269 -9.27 22.09 21.83
C PHE B 269 -10.33 21.05 21.46
N LYS B 270 -11.11 21.29 20.45
CA LYS B 270 -12.30 20.49 20.17
C LYS B 270 -11.97 19.04 19.93
N ALA B 271 -12.83 18.19 20.53
CA ALA B 271 -12.61 16.76 20.27
C ALA B 271 -12.63 16.34 18.82
N GLY B 272 -13.40 16.86 17.88
CA GLY B 272 -13.08 16.05 16.59
C GLY B 272 -11.83 16.43 15.78
N SER B 273 -10.93 17.24 16.34
CA SER B 273 -10.00 18.06 15.54
C SER B 273 -8.72 18.42 16.28
N MET B 274 -8.78 19.57 17.00
CA MET B 274 -7.55 20.03 17.66
C MET B 274 -7.24 19.33 18.94
N GLY B 275 -8.29 18.85 19.63
CA GLY B 275 -8.02 18.10 20.88
C GLY B 275 -6.98 17.00 20.78
N PRO B 276 -7.09 16.02 19.81
CA PRO B 276 -6.07 14.98 19.73
C PRO B 276 -4.65 15.49 19.27
N LYS B 277 -4.66 16.63 18.60
CA LYS B 277 -3.31 17.12 18.24
C LYS B 277 -2.64 17.69 19.48
N VAL B 278 -3.44 18.41 20.36
CA VAL B 278 -2.83 18.85 21.63
C VAL B 278 -2.49 17.77 22.56
N LEU B 279 -3.35 16.71 22.64
CA LEU B 279 -3.04 15.53 23.39
C LEU B 279 -1.74 14.81 22.91
N ALA B 280 -1.59 14.72 21.57
CA ALA B 280 -0.39 14.08 21.06
C ALA B 280 0.91 14.92 21.37
N ALA B 281 0.73 16.26 21.25
CA ALA B 281 1.92 17.08 21.64
C ALA B 281 2.29 16.96 23.13
N ILE B 282 1.19 16.90 23.98
CA ILE B 282 1.44 16.72 25.38
C ILE B 282 2.15 15.46 25.69
N ARG B 283 1.62 14.27 25.13
CA ARG B 283 2.26 12.99 25.32
C ARG B 283 3.74 12.91 24.86
N PHE B 284 4.04 13.56 23.69
CA PHE B 284 5.43 13.52 23.21
C PHE B 284 6.40 14.23 24.27
N ILE B 285 5.89 15.34 24.80
CA ILE B 285 6.77 16.03 25.84
C ILE B 285 6.84 15.22 27.08
N GLU B 286 5.71 14.56 27.50
CA GLU B 286 5.76 13.70 28.68
C GLU B 286 6.63 12.50 28.52
N TRP B 287 6.81 11.94 27.30
CA TRP B 287 7.64 10.81 27.00
C TRP B 287 9.13 11.26 27.07
N GLY B 288 9.39 12.56 26.92
CA GLY B 288 10.84 12.93 26.94
C GLY B 288 11.28 13.68 25.70
N GLY B 289 10.35 13.95 24.75
CA GLY B 289 10.80 14.64 23.53
C GLY B 289 11.22 16.09 23.78
N GLU B 290 12.05 16.66 22.89
CA GLU B 290 12.47 18.03 23.15
C GLU B 290 11.47 19.10 22.85
N ARG B 291 10.60 18.95 21.80
CA ARG B 291 9.68 19.92 21.35
C ARG B 291 8.60 19.26 20.51
N ALA B 292 7.38 19.70 20.71
CA ALA B 292 6.29 19.35 19.82
C ALA B 292 5.78 20.63 19.25
N ILE B 293 5.26 20.59 18.02
CA ILE B 293 4.85 21.69 17.25
C ILE B 293 3.50 21.58 16.65
N ILE B 294 2.56 22.44 16.56
CA ILE B 294 1.36 22.40 15.84
C ILE B 294 1.46 23.64 14.98
N ALA B 295 1.41 23.55 13.67
CA ALA B 295 1.50 24.73 12.79
C ALA B 295 0.81 24.56 11.46
N HIS B 296 0.69 25.55 10.60
CA HIS B 296 0.14 25.36 9.28
C HIS B 296 1.21 24.83 8.30
N LEU B 297 0.74 23.80 7.56
CA LEU B 297 1.59 23.23 6.46
C LEU B 297 2.38 24.30 5.65
N GLU B 298 1.67 25.42 5.42
CA GLU B 298 2.40 26.43 4.58
C GLU B 298 3.47 27.08 5.33
N LYS B 299 3.62 26.99 6.65
CA LYS B 299 4.67 27.52 7.46
C LYS B 299 5.52 26.54 8.16
N ALA B 300 5.58 25.28 7.49
CA ALA B 300 6.31 24.18 8.05
C ALA B 300 7.72 24.44 8.44
N VAL B 301 8.41 25.19 7.42
CA VAL B 301 9.83 25.36 7.70
C VAL B 301 10.22 26.39 8.81
N GLU B 302 9.44 27.48 8.79
CA GLU B 302 9.56 28.49 9.83
C GLU B 302 9.12 27.98 11.18
N ALA B 303 8.11 27.04 11.13
CA ALA B 303 7.70 26.48 12.41
C ALA B 303 8.70 25.59 13.10
N LEU B 304 9.31 24.75 12.17
CA LEU B 304 10.31 23.80 12.60
C LEU B 304 11.51 24.59 13.21
N GLU B 305 11.74 25.79 12.67
CA GLU B 305 12.90 26.53 13.25
C GLU B 305 12.49 27.23 14.53
N GLY B 306 11.22 27.13 14.90
CA GLY B 306 10.79 27.75 16.19
C GLY B 306 10.26 29.12 16.03
N LYS B 307 9.97 29.69 14.87
CA LYS B 307 9.54 31.06 14.69
C LYS B 307 8.09 31.37 14.62
N THR B 308 7.21 30.35 14.44
CA THR B 308 5.79 30.62 14.24
C THR B 308 5.07 29.28 14.69
N GLY B 309 3.79 29.51 14.90
CA GLY B 309 3.00 28.25 15.30
C GLY B 309 3.01 28.07 16.77
N THR B 310 2.37 26.92 17.21
CA THR B 310 2.39 26.64 18.65
C THR B 310 3.54 25.78 18.97
N GLN B 311 4.46 26.09 19.87
CA GLN B 311 5.67 25.48 20.20
C GLN B 311 5.69 24.97 21.59
N VAL B 312 5.43 23.69 21.81
CA VAL B 312 5.26 23.08 23.10
C VAL B 312 6.56 22.52 23.64
N LEU B 313 6.94 23.11 24.83
CA LEU B 313 8.18 22.70 25.49
C LEU B 313 8.04 22.08 26.84
N PRO B 314 9.00 21.35 27.42
CA PRO B 314 8.95 20.75 28.71
C PRO B 314 8.92 21.79 29.84
PB ADP C . -0.95 -17.49 -12.52
O1B ADP C . -2.07 -16.75 -11.85
O2B ADP C . -0.35 -18.41 -11.53
O3B ADP C . 0.00 -16.57 -13.21
PA ADP C . -1.88 -18.47 -15.19
O1A ADP C . -3.24 -18.95 -15.29
O2A ADP C . -1.58 -17.16 -15.79
O3A ADP C . -1.61 -18.47 -13.61
O5' ADP C . -0.85 -19.53 -15.75
C5' ADP C . -1.06 -20.91 -15.39
C4' ADP C . -1.76 -21.64 -16.55
O4' ADP C . -0.89 -21.76 -17.71
C3' ADP C . -2.17 -23.06 -16.21
O3' ADP C . -3.34 -23.19 -15.43
C2' ADP C . -2.30 -23.70 -17.63
O2' ADP C . -3.73 -23.85 -18.01
C1' ADP C . -1.65 -22.67 -18.51
N9 ADP C . -0.75 -23.24 -19.52
C8 ADP C . -0.59 -22.74 -20.80
N7 ADP C . 0.35 -23.34 -21.48
C5 ADP C . 0.88 -24.23 -20.62
C6 ADP C . 1.92 -25.12 -20.79
N6 ADP C . 2.77 -25.33 -21.88
N1 ADP C . 2.28 -25.85 -19.71
C2 ADP C . 1.56 -25.71 -18.55
N3 ADP C . 0.55 -24.88 -18.28
C4 ADP C . 0.23 -24.16 -19.39
MG MG D . -0.67 -15.17 -15.10
PB ADP E . -6.29 17.80 9.92
O1B ADP E . -6.88 17.15 8.72
O2B ADP E . -5.09 18.67 9.67
O3B ADP E . -6.16 16.81 11.09
PA ADP E . -8.66 18.94 11.46
O1A ADP E . -8.93 17.63 12.04
O2A ADP E . -9.70 19.62 10.74
O3A ADP E . -7.43 18.82 10.40
O5' ADP E . -8.05 19.86 12.64
C5' ADP E . -7.87 21.27 12.36
C4' ADP E . -9.09 22.12 12.76
O4' ADP E . -9.13 22.17 14.23
C3' ADP E . -8.91 23.61 12.42
O3' ADP E . -9.26 23.81 11.02
C2' ADP E . -9.95 24.27 13.41
O2' ADP E . -11.14 24.62 12.66
C1' ADP E . -10.18 23.13 14.42
N9 ADP E . -10.08 23.64 15.78
C8 ADP E . -10.92 23.32 16.86
N7 ADP E . -10.51 23.79 18.01
C5 ADP E . -9.46 24.56 17.68
C6 ADP E . -8.64 25.28 18.50
N6 ADP E . -8.80 25.46 19.85
N1 ADP E . -7.55 25.90 17.97
C2 ADP E . -7.34 25.72 16.59
N3 ADP E . -8.07 25.04 15.72
C4 ADP E . -9.13 24.45 16.35
MG MG F . -8.14 15.58 11.93
#